data_4KDF
#
_entry.id   4KDF
#
_cell.length_a   96.601
_cell.length_b   114.617
_cell.length_c   144.077
_cell.angle_alpha   90.00
_cell.angle_beta   90.00
_cell.angle_gamma   90.00
#
_symmetry.space_group_name_H-M   'P 21 21 21'
#
loop_
_entity.id
_entity.type
_entity.pdbx_description
1 polymer 'Malate dehydrogenase'
2 non-polymer 'SULFATE ION'
3 water water
#
_entity_poly.entity_id   1
_entity_poly.type   'polypeptide(L)'
_entity_poly.pdbx_seq_one_letter_code
;MKAPVRVAVTGAAGQIGYSLLFRIAAGEMLGKDQPVILQLLEIPQAMKALEGVVMELEDCAFPLLAGLEATDDPKVAFKD
ADYALLVGAAPRKAGMERRDLLQVNGKIFTEQGRALAEVAKKDVKVLVVGNPANTNALIAYKNAPGLNPRNFTAMTRLDH
NRAKAQLAKKTGTGVDRIRRMTVWGNHSSTMFPDLFHAEVDGRPALELVDMEWYEKVFIPTVAQRGAAIIQARGASSAAS
AANAAIEHIRDWALGTPEGDWVSMAVPSQGEYGIPEGIVYSFPVTAKDGAYRVVEGLEINEFARKRMEITAQELLDEMEQ
VKALGLIRKLAAALEHHHHHH
;
_entity_poly.pdbx_strand_id   A,B,C,D
#
loop_
_chem_comp.id
_chem_comp.type
_chem_comp.name
_chem_comp.formula
SO4 non-polymer 'SULFATE ION' 'O4 S -2'
#
# COMPACT_ATOMS: atom_id res chain seq x y z
N MET A 1 17.94 -7.46 -41.62
CA MET A 1 17.41 -6.16 -41.27
C MET A 1 16.41 -5.66 -42.30
N LYS A 2 15.21 -6.23 -42.22
CA LYS A 2 14.08 -5.83 -43.02
C LYS A 2 13.65 -4.41 -42.65
N ALA A 3 12.89 -3.76 -43.53
CA ALA A 3 12.28 -2.49 -43.19
C ALA A 3 11.43 -2.68 -41.94
N PRO A 4 11.36 -1.64 -41.10
CA PRO A 4 10.60 -1.76 -39.85
C PRO A 4 9.10 -1.96 -40.09
N VAL A 5 8.42 -2.63 -39.16
CA VAL A 5 6.97 -2.67 -39.19
C VAL A 5 6.44 -1.84 -38.03
N ARG A 6 5.22 -1.33 -38.20
CA ARG A 6 4.61 -0.51 -37.19
C ARG A 6 3.66 -1.33 -36.35
N VAL A 7 3.84 -1.25 -35.03
CA VAL A 7 3.02 -2.01 -34.12
C VAL A 7 2.30 -1.05 -33.20
N ALA A 8 0.97 -1.07 -33.25
CA ALA A 8 0.15 -0.25 -32.38
C ALA A 8 -0.28 -1.06 -31.17
N VAL A 9 -0.27 -0.43 -30.01
CA VAL A 9 -0.68 -1.12 -28.79
C VAL A 9 -1.50 -0.16 -27.95
N THR A 10 -2.71 -0.58 -27.59
CA THR A 10 -3.57 0.27 -26.77
C THR A 10 -3.42 -0.13 -25.32
N GLY A 11 -4.02 0.65 -24.43
CA GLY A 11 -3.83 0.48 -22.99
C GLY A 11 -2.37 0.27 -22.63
N ALA A 12 -1.49 1.07 -23.24
CA ALA A 12 -0.06 0.83 -23.20
C ALA A 12 0.59 1.03 -21.81
N ALA A 13 -0.07 1.79 -20.95
CA ALA A 13 0.48 2.05 -19.64
C ALA A 13 -0.15 1.17 -18.56
N GLY A 14 -0.86 0.14 -18.98
CA GLY A 14 -1.50 -0.78 -18.06
C GLY A 14 -0.63 -2.00 -17.77
N GLN A 15 -1.06 -2.82 -16.82
CA GLN A 15 -0.26 -3.96 -16.38
C GLN A 15 0.14 -4.90 -17.53
N ILE A 16 -0.76 -5.19 -18.45
CA ILE A 16 -0.41 -6.07 -19.58
C ILE A 16 0.57 -5.37 -20.53
N GLY A 17 0.34 -4.10 -20.80
CA GLY A 17 1.27 -3.32 -21.62
C GLY A 17 2.69 -3.35 -21.07
N TYR A 18 2.81 -3.13 -19.76
CA TYR A 18 4.13 -3.05 -19.11
C TYR A 18 4.91 -4.34 -19.26
N SER A 19 4.23 -5.46 -19.49
CA SER A 19 4.91 -6.73 -19.69
C SER A 19 5.11 -6.96 -21.19
N LEU A 20 4.21 -6.39 -21.98
CA LEU A 20 4.19 -6.58 -23.42
C LEU A 20 5.27 -5.84 -24.18
N LEU A 21 5.34 -4.53 -23.96
CA LEU A 21 6.11 -3.64 -24.83
C LEU A 21 7.59 -4.01 -24.88
N PHE A 22 8.13 -4.38 -23.74
CA PHE A 22 9.56 -4.65 -23.63
C PHE A 22 9.93 -5.92 -24.38
N ARG A 23 9.05 -6.92 -24.36
CA ARG A 23 9.39 -8.15 -25.07
C ARG A 23 9.24 -7.97 -26.60
N ILE A 24 8.25 -7.19 -27.01
CA ILE A 24 8.09 -6.77 -28.39
C ILE A 24 9.29 -5.96 -28.89
N ALA A 25 9.57 -4.84 -28.23
CA ALA A 25 10.74 -4.04 -28.56
C ALA A 25 12.04 -4.85 -28.58
N ALA A 26 12.08 -5.98 -27.89
CA ALA A 26 13.29 -6.81 -27.88
C ALA A 26 13.34 -7.78 -29.06
N GLY A 27 12.24 -7.88 -29.79
CA GLY A 27 12.22 -8.77 -30.93
C GLY A 27 11.62 -10.15 -30.65
N GLU A 28 11.05 -10.32 -29.46
CA GLU A 28 10.46 -11.62 -29.09
C GLU A 28 9.22 -11.92 -29.93
N MET A 29 8.54 -10.89 -30.40
CA MET A 29 7.26 -11.13 -31.08
C MET A 29 7.41 -11.42 -32.56
N LEU A 30 8.30 -10.72 -33.23
CA LEU A 30 8.35 -10.83 -34.69
C LEU A 30 9.70 -11.29 -35.24
N GLY A 31 10.68 -11.50 -34.35
CA GLY A 31 11.99 -12.00 -34.78
C GLY A 31 13.11 -10.99 -34.57
N LYS A 32 14.34 -11.49 -34.44
CA LYS A 32 15.51 -10.66 -34.16
C LYS A 32 15.98 -9.86 -35.36
N ASP A 33 15.44 -10.19 -36.53
CA ASP A 33 15.83 -9.52 -37.76
C ASP A 33 14.74 -8.52 -38.24
N GLN A 34 13.78 -8.24 -37.35
CA GLN A 34 12.64 -7.40 -37.69
C GLN A 34 12.51 -6.20 -36.78
N PRO A 35 12.93 -5.03 -37.25
CA PRO A 35 12.79 -3.79 -36.46
C PRO A 35 11.34 -3.43 -36.28
N VAL A 36 11.01 -2.78 -35.16
CA VAL A 36 9.63 -2.35 -34.96
C VAL A 36 9.55 -0.90 -34.53
N ILE A 37 8.42 -0.29 -34.88
CA ILE A 37 8.06 1.03 -34.38
C ILE A 37 6.85 0.87 -33.48
N LEU A 38 6.99 1.21 -32.20
CA LEU A 38 5.86 1.11 -31.29
C LEU A 38 5.06 2.41 -31.31
N GLN A 39 3.77 2.26 -31.53
CA GLN A 39 2.84 3.40 -31.50
C GLN A 39 1.82 3.13 -30.42
N LEU A 40 1.95 3.88 -29.33
CA LEU A 40 1.29 3.55 -28.09
C LEU A 40 0.10 4.45 -27.84
N LEU A 41 -1.03 3.83 -27.52
CA LEU A 41 -2.23 4.57 -27.23
C LEU A 41 -2.65 4.39 -25.77
N GLU A 42 -3.12 5.47 -25.18
CA GLU A 42 -3.71 5.45 -23.85
C GLU A 42 -4.87 6.44 -23.82
N ILE A 43 -5.62 6.42 -22.72
CA ILE A 43 -6.62 7.45 -22.48
C ILE A 43 -5.90 8.70 -21.95
N PRO A 44 -6.51 9.89 -22.09
CA PRO A 44 -5.83 11.13 -21.69
C PRO A 44 -5.26 11.13 -20.26
N GLN A 45 -6.00 10.56 -19.32
CA GLN A 45 -5.59 10.53 -17.92
C GLN A 45 -4.38 9.64 -17.65
N ALA A 46 -4.04 8.79 -18.63
CA ALA A 46 -2.95 7.85 -18.48
C ALA A 46 -1.71 8.26 -19.25
N MET A 47 -1.79 9.39 -19.96
CA MET A 47 -0.71 9.78 -20.84
C MET A 47 0.57 10.10 -20.09
N LYS A 48 0.43 10.56 -18.85
CA LYS A 48 1.60 10.92 -18.05
C LYS A 48 2.35 9.64 -17.67
N ALA A 49 1.59 8.64 -17.24
CA ALA A 49 2.17 7.35 -16.91
C ALA A 49 2.81 6.74 -18.15
N LEU A 50 2.14 6.94 -19.29
CA LEU A 50 2.63 6.37 -20.53
C LEU A 50 3.96 6.99 -20.95
N GLU A 51 4.14 8.28 -20.65
CA GLU A 51 5.40 8.91 -20.95
C GLU A 51 6.51 8.26 -20.12
N GLY A 52 6.21 7.91 -18.89
CA GLY A 52 7.14 7.16 -18.06
C GLY A 52 7.54 5.84 -18.68
N VAL A 53 6.56 5.13 -19.25
CA VAL A 53 6.80 3.85 -19.92
C VAL A 53 7.68 4.06 -21.16
N VAL A 54 7.44 5.17 -21.86
CA VAL A 54 8.25 5.56 -23.01
C VAL A 54 9.72 5.77 -22.60
N MET A 55 9.95 6.52 -21.52
CA MET A 55 11.30 6.71 -20.99
C MET A 55 11.98 5.36 -20.72
N GLU A 56 11.27 4.46 -20.05
CA GLU A 56 11.80 3.13 -19.71
C GLU A 56 12.18 2.30 -20.93
N LEU A 57 11.32 2.29 -21.93
CA LEU A 57 11.63 1.63 -23.20
C LEU A 57 12.91 2.22 -23.82
N GLU A 58 13.01 3.54 -23.81
CA GLU A 58 14.23 4.19 -24.30
C GLU A 58 15.45 3.75 -23.48
N ASP A 59 15.28 3.67 -22.17
CA ASP A 59 16.37 3.29 -21.27
C ASP A 59 16.80 1.82 -21.40
N CYS A 60 16.09 1.04 -22.23
CA CYS A 60 16.53 -0.32 -22.52
C CYS A 60 17.51 -0.41 -23.69
N ALA A 61 17.63 0.67 -24.46
CA ALA A 61 18.59 0.74 -25.59
C ALA A 61 18.41 -0.44 -26.54
N PHE A 62 17.16 -0.76 -26.82
CA PHE A 62 16.83 -1.82 -27.75
C PHE A 62 17.28 -1.50 -29.18
N PRO A 63 18.17 -2.34 -29.73
CA PRO A 63 18.66 -2.12 -31.10
C PRO A 63 17.58 -2.24 -32.19
N LEU A 64 16.48 -2.96 -31.96
CA LEU A 64 15.44 -3.15 -32.98
C LEU A 64 14.28 -2.16 -32.88
N LEU A 65 14.29 -1.32 -31.85
CA LEU A 65 13.21 -0.36 -31.69
C LEU A 65 13.48 0.84 -32.59
N ALA A 66 12.97 0.76 -33.81
CA ALA A 66 13.25 1.76 -34.84
C ALA A 66 12.45 3.05 -34.64
N GLY A 67 11.41 3.00 -33.82
CA GLY A 67 10.63 4.17 -33.56
C GLY A 67 9.71 4.00 -32.35
N LEU A 68 9.21 5.12 -31.84
CA LEU A 68 8.44 5.13 -30.61
C LEU A 68 7.64 6.40 -30.47
N GLU A 69 6.31 6.29 -30.41
CA GLU A 69 5.47 7.46 -30.11
C GLU A 69 4.33 7.13 -29.14
N ALA A 70 3.86 8.16 -28.43
CA ALA A 70 2.79 8.00 -27.48
C ALA A 70 1.71 9.03 -27.73
N THR A 71 0.47 8.59 -27.70
CA THR A 71 -0.64 9.46 -28.09
C THR A 71 -1.93 8.98 -27.45
N ASP A 72 -2.90 9.89 -27.32
CA ASP A 72 -4.23 9.52 -26.88
C ASP A 72 -5.21 9.64 -28.05
N ASP A 73 -4.67 9.63 -29.26
CA ASP A 73 -5.45 9.77 -30.48
C ASP A 73 -5.31 8.53 -31.34
N PRO A 74 -6.38 7.72 -31.45
CA PRO A 74 -6.37 6.45 -32.18
C PRO A 74 -5.94 6.62 -33.63
N LYS A 75 -6.31 7.73 -34.25
CA LYS A 75 -5.97 7.95 -35.65
C LYS A 75 -4.48 8.20 -35.80
N VAL A 76 -3.83 8.57 -34.70
CA VAL A 76 -2.37 8.71 -34.68
C VAL A 76 -1.73 7.36 -34.41
N ALA A 77 -2.20 6.68 -33.36
CA ALA A 77 -1.62 5.40 -32.96
C ALA A 77 -1.68 4.37 -34.07
N PHE A 78 -2.74 4.41 -34.88
CA PHE A 78 -2.99 3.33 -35.83
C PHE A 78 -2.46 3.61 -37.23
N LYS A 79 -1.88 4.79 -37.42
CA LYS A 79 -1.42 5.23 -38.73
C LYS A 79 -0.32 4.35 -39.31
N ASP A 80 -0.63 3.74 -40.46
CA ASP A 80 0.24 2.78 -41.14
C ASP A 80 0.61 1.59 -40.25
N ALA A 81 -0.24 1.29 -39.27
CA ALA A 81 -0.05 0.10 -38.43
C ALA A 81 -0.14 -1.18 -39.26
N ASP A 82 0.83 -2.06 -39.07
CA ASP A 82 0.80 -3.42 -39.65
C ASP A 82 0.20 -4.39 -38.63
N TYR A 83 0.40 -4.07 -37.36
CA TYR A 83 -0.14 -4.86 -36.26
C TYR A 83 -0.83 -3.94 -35.28
N ALA A 84 -1.93 -4.43 -34.71
CA ALA A 84 -2.67 -3.66 -33.74
C ALA A 84 -3.08 -4.57 -32.60
N LEU A 85 -2.62 -4.24 -31.41
CA LEU A 85 -2.90 -5.04 -30.22
C LEU A 85 -3.85 -4.25 -29.36
N LEU A 86 -5.11 -4.65 -29.38
CA LEU A 86 -6.13 -3.89 -28.71
C LEU A 86 -6.24 -4.44 -27.30
N VAL A 87 -5.50 -3.83 -26.38
CA VAL A 87 -5.40 -4.34 -25.03
C VAL A 87 -6.37 -3.60 -24.10
N GLY A 88 -6.47 -2.29 -24.26
CA GLY A 88 -7.35 -1.50 -23.42
C GLY A 88 -8.83 -1.70 -23.76
N ALA A 89 -9.62 -2.00 -22.74
CA ALA A 89 -11.06 -2.11 -22.88
C ALA A 89 -11.69 -1.38 -21.72
N ALA A 90 -12.98 -1.59 -21.48
CA ALA A 90 -13.65 -0.94 -20.37
C ALA A 90 -13.04 -1.40 -19.04
N PRO A 91 -12.80 -0.44 -18.12
CA PRO A 91 -12.21 -0.74 -16.81
C PRO A 91 -13.15 -1.55 -15.92
N LEU A 101 -21.18 -0.79 -19.48
CA LEU A 101 -20.03 -1.67 -19.73
C LEU A 101 -20.00 -2.09 -21.19
N LEU A 102 -21.08 -2.74 -21.64
CA LEU A 102 -21.22 -3.05 -23.06
C LEU A 102 -21.31 -1.75 -23.85
N GLN A 103 -21.87 -0.71 -23.23
CA GLN A 103 -21.92 0.61 -23.82
C GLN A 103 -20.51 1.18 -23.96
N VAL A 104 -19.76 1.09 -22.87
CA VAL A 104 -18.41 1.62 -22.83
C VAL A 104 -17.51 0.92 -23.82
N ASN A 105 -17.65 -0.41 -23.94
CA ASN A 105 -16.84 -1.15 -24.88
C ASN A 105 -17.29 -0.87 -26.31
N GLY A 106 -18.59 -0.69 -26.49
CA GLY A 106 -19.14 -0.29 -27.76
C GLY A 106 -18.49 0.96 -28.31
N LYS A 107 -18.44 2.00 -27.49
CA LYS A 107 -17.78 3.25 -27.88
C LYS A 107 -16.31 3.03 -28.23
N ILE A 108 -15.58 2.32 -27.36
CA ILE A 108 -14.16 2.08 -27.56
C ILE A 108 -13.87 1.35 -28.87
N PHE A 109 -14.55 0.22 -29.09
CA PHE A 109 -14.18 -0.62 -30.20
C PHE A 109 -14.87 -0.23 -31.51
N THR A 110 -16.02 0.45 -31.44
CA THR A 110 -16.52 1.18 -32.61
C THR A 110 -15.50 2.22 -33.09
N GLU A 111 -15.04 3.09 -32.18
CA GLU A 111 -14.07 4.11 -32.55
C GLU A 111 -12.76 3.51 -33.06
N GLN A 112 -12.28 2.45 -32.42
CA GLN A 112 -10.97 1.94 -32.81
C GLN A 112 -11.04 1.14 -34.10
N GLY A 113 -12.18 0.49 -34.35
CA GLY A 113 -12.39 -0.14 -35.63
C GLY A 113 -12.38 0.89 -36.76
N ARG A 114 -13.01 2.04 -36.49
CA ARG A 114 -13.10 3.10 -37.48
C ARG A 114 -11.74 3.74 -37.75
N ALA A 115 -10.99 3.98 -36.67
CA ALA A 115 -9.67 4.56 -36.80
C ALA A 115 -8.79 3.66 -37.66
N LEU A 116 -8.89 2.36 -37.40
CA LEU A 116 -8.09 1.37 -38.11
C LEU A 116 -8.42 1.37 -39.61
N ALA A 117 -9.71 1.41 -39.92
CA ALA A 117 -10.15 1.49 -41.30
C ALA A 117 -9.60 2.73 -41.99
N GLU A 118 -9.77 3.87 -41.33
CA GLU A 118 -9.28 5.14 -41.89
C GLU A 118 -7.78 5.16 -42.17
N VAL A 119 -6.94 4.72 -41.23
CA VAL A 119 -5.51 5.05 -41.33
C VAL A 119 -4.51 3.90 -41.27
N ALA A 120 -4.93 2.72 -40.84
CA ALA A 120 -4.00 1.60 -40.74
C ALA A 120 -3.70 1.03 -42.12
N LYS A 121 -2.67 0.19 -42.20
CA LYS A 121 -2.43 -0.59 -43.40
C LYS A 121 -3.66 -1.44 -43.77
N LYS A 122 -3.91 -1.62 -45.05
CA LYS A 122 -5.05 -2.42 -45.49
C LYS A 122 -5.01 -3.83 -44.91
N ASP A 123 -3.82 -4.40 -44.76
CA ASP A 123 -3.71 -5.78 -44.31
C ASP A 123 -3.31 -5.88 -42.84
N VAL A 124 -3.67 -4.87 -42.05
CA VAL A 124 -3.31 -4.81 -40.64
C VAL A 124 -3.82 -6.00 -39.84
N LYS A 125 -2.92 -6.68 -39.12
CA LYS A 125 -3.31 -7.82 -38.27
C LYS A 125 -3.73 -7.28 -36.91
N VAL A 126 -4.95 -7.61 -36.49
CA VAL A 126 -5.52 -7.04 -35.28
C VAL A 126 -5.74 -8.12 -34.21
N LEU A 127 -5.23 -7.86 -33.01
CA LEU A 127 -5.44 -8.78 -31.89
C LEU A 127 -6.18 -8.08 -30.74
N VAL A 128 -7.36 -8.56 -30.38
CA VAL A 128 -8.05 -7.99 -29.24
C VAL A 128 -7.78 -8.80 -27.97
N VAL A 129 -7.22 -8.12 -26.97
CA VAL A 129 -6.92 -8.74 -25.70
C VAL A 129 -7.93 -8.32 -24.64
N GLY A 130 -8.32 -7.05 -24.63
CA GLY A 130 -9.27 -6.54 -23.66
C GLY A 130 -10.54 -7.35 -23.66
N ASN A 131 -11.08 -7.61 -22.48
CA ASN A 131 -12.28 -8.44 -22.35
C ASN A 131 -13.57 -7.65 -22.45
N PRO A 132 -14.66 -8.28 -22.95
CA PRO A 132 -14.74 -9.63 -23.54
C PRO A 132 -14.26 -9.66 -25.00
N ALA A 133 -13.09 -10.28 -25.23
CA ALA A 133 -12.34 -10.13 -26.47
C ALA A 133 -13.10 -10.47 -27.75
N ASN A 134 -13.80 -11.61 -27.75
CA ASN A 134 -14.54 -12.08 -28.93
C ASN A 134 -15.59 -11.11 -29.44
N THR A 135 -16.34 -10.52 -28.52
CA THR A 135 -17.36 -9.56 -28.88
C THR A 135 -16.74 -8.19 -29.22
N ASN A 136 -15.68 -7.80 -28.51
CA ASN A 136 -14.99 -6.57 -28.83
C ASN A 136 -14.41 -6.66 -30.22
N ALA A 137 -13.91 -7.83 -30.58
CA ALA A 137 -13.33 -8.01 -31.90
C ALA A 137 -14.43 -7.92 -32.93
N LEU A 138 -15.61 -8.42 -32.56
CA LEU A 138 -16.77 -8.39 -33.43
C LEU A 138 -17.16 -6.93 -33.74
N ILE A 139 -17.43 -6.16 -32.69
CA ILE A 139 -17.74 -4.74 -32.80
C ILE A 139 -16.69 -3.98 -33.60
N ALA A 140 -15.43 -4.34 -33.42
CA ALA A 140 -14.35 -3.67 -34.13
C ALA A 140 -14.35 -4.03 -35.63
N TYR A 141 -14.50 -5.30 -35.99
CA TYR A 141 -14.49 -5.59 -37.43
C TYR A 141 -15.75 -5.05 -38.11
N LYS A 142 -16.89 -5.01 -37.40
CA LYS A 142 -18.13 -4.53 -38.01
C LYS A 142 -18.05 -3.05 -38.35
N ASN A 143 -17.24 -2.33 -37.60
CA ASN A 143 -17.11 -0.88 -37.75
C ASN A 143 -15.83 -0.51 -38.45
N ALA A 144 -15.32 -1.44 -39.26
CA ALA A 144 -14.04 -1.25 -39.94
C ALA A 144 -14.20 -1.49 -41.44
N PRO A 145 -14.95 -0.60 -42.11
CA PRO A 145 -15.21 -0.77 -43.55
C PRO A 145 -13.93 -0.67 -44.37
N GLY A 146 -13.63 -1.71 -45.16
CA GLY A 146 -12.44 -1.69 -45.99
C GLY A 146 -11.34 -2.61 -45.49
N LEU A 147 -11.40 -3.00 -44.22
CA LEU A 147 -10.45 -3.98 -43.70
C LEU A 147 -11.07 -5.36 -43.77
N ASN A 148 -10.23 -6.37 -43.98
CA ASN A 148 -10.70 -7.74 -44.04
C ASN A 148 -11.11 -8.19 -42.65
N PRO A 149 -12.35 -8.67 -42.50
CA PRO A 149 -12.82 -9.22 -41.23
C PRO A 149 -11.92 -10.36 -40.76
N ARG A 150 -11.32 -11.10 -41.68
CA ARG A 150 -10.50 -12.25 -41.35
C ARG A 150 -9.27 -11.86 -40.52
N ASN A 151 -8.87 -10.59 -40.59
CA ASN A 151 -7.69 -10.12 -39.86
C ASN A 151 -8.02 -9.61 -38.46
N PHE A 152 -9.29 -9.63 -38.10
CA PHE A 152 -9.68 -9.26 -36.76
C PHE A 152 -9.78 -10.52 -35.89
N THR A 153 -8.91 -10.63 -34.88
CA THR A 153 -8.87 -11.80 -34.00
C THR A 153 -8.90 -11.45 -32.51
N ALA A 154 -9.29 -12.42 -31.69
CA ALA A 154 -9.30 -12.26 -30.23
C ALA A 154 -8.45 -13.35 -29.57
N MET A 155 -8.03 -13.13 -28.33
CA MET A 155 -7.05 -14.03 -27.73
C MET A 155 -7.64 -15.13 -26.87
N THR A 156 -7.29 -16.36 -27.19
CA THR A 156 -7.56 -17.48 -26.31
C THR A 156 -6.27 -18.24 -26.05
N ARG A 157 -5.14 -17.62 -26.37
CA ARG A 157 -3.84 -18.30 -26.23
C ARG A 157 -3.45 -18.54 -24.78
N LEU A 158 -3.88 -17.66 -23.89
CA LEU A 158 -3.60 -17.83 -22.48
C LEU A 158 -4.21 -19.14 -21.94
N ASP A 159 -5.49 -19.37 -22.24
CA ASP A 159 -6.16 -20.63 -21.83
C ASP A 159 -5.52 -21.84 -22.47
N HIS A 160 -5.24 -21.75 -23.77
CA HIS A 160 -4.47 -22.75 -24.52
C HIS A 160 -3.15 -23.09 -23.80
N ASN A 161 -2.42 -22.06 -23.40
CA ASN A 161 -1.15 -22.27 -22.75
C ASN A 161 -1.34 -22.86 -21.36
N ARG A 162 -2.35 -22.37 -20.65
CA ARG A 162 -2.69 -22.90 -19.33
C ARG A 162 -2.98 -24.37 -19.45
N ALA A 163 -3.77 -24.71 -20.46
CA ALA A 163 -4.16 -26.10 -20.68
C ALA A 163 -2.94 -26.98 -20.95
N LYS A 164 -2.01 -26.48 -21.76
CA LYS A 164 -0.78 -27.23 -22.02
C LYS A 164 -0.06 -27.47 -20.73
N ALA A 165 0.07 -26.42 -19.93
CA ALA A 165 0.82 -26.49 -18.67
C ALA A 165 0.24 -27.59 -17.77
N GLN A 166 -1.09 -27.64 -17.69
CA GLN A 166 -1.75 -28.64 -16.86
C GLN A 166 -1.57 -30.08 -17.38
N LEU A 167 -1.60 -30.25 -18.70
CA LEU A 167 -1.38 -31.56 -19.27
C LEU A 167 0.04 -32.03 -19.05
N ALA A 168 0.99 -31.10 -19.11
CA ALA A 168 2.40 -31.42 -18.92
C ALA A 168 2.71 -31.83 -17.49
N LYS A 169 2.13 -31.10 -16.54
CA LYS A 169 2.33 -31.36 -15.13
C LYS A 169 1.78 -32.75 -14.76
N LYS A 170 0.61 -33.07 -15.29
CA LYS A 170 -0.06 -34.32 -14.99
C LYS A 170 0.68 -35.52 -15.56
N THR A 171 1.17 -35.41 -16.79
CA THR A 171 1.84 -36.55 -17.43
C THR A 171 3.34 -36.58 -17.16
N GLY A 172 3.84 -35.60 -16.40
CA GLY A 172 5.26 -35.45 -16.15
C GLY A 172 6.19 -35.32 -17.36
N THR A 173 5.69 -34.77 -18.46
CA THR A 173 6.54 -34.56 -19.65
C THR A 173 6.81 -33.08 -19.86
N GLY A 174 7.79 -32.74 -20.71
CA GLY A 174 8.04 -31.35 -21.06
C GLY A 174 6.91 -30.78 -21.89
N VAL A 175 6.65 -29.48 -21.77
CA VAL A 175 5.60 -28.83 -22.56
C VAL A 175 5.84 -28.93 -24.06
N ASP A 176 7.11 -29.08 -24.44
CA ASP A 176 7.46 -29.20 -25.84
C ASP A 176 7.07 -30.56 -26.47
N ARG A 177 6.55 -31.49 -25.66
CA ARG A 177 6.12 -32.77 -26.21
C ARG A 177 4.59 -32.85 -26.30
N ILE A 178 3.97 -31.72 -25.98
CA ILE A 178 2.53 -31.60 -26.08
C ILE A 178 2.15 -30.81 -27.34
N ARG A 179 1.37 -31.43 -28.21
CA ARG A 179 0.96 -30.71 -29.41
C ARG A 179 -0.53 -30.86 -29.64
N ARG A 180 -1.06 -30.01 -30.52
CA ARG A 180 -2.48 -30.02 -30.90
C ARG A 180 -3.42 -29.81 -29.72
N MET A 181 -3.06 -28.91 -28.82
CA MET A 181 -4.01 -28.46 -27.82
C MET A 181 -5.02 -27.54 -28.49
N THR A 182 -6.27 -27.61 -28.05
CA THR A 182 -7.29 -26.70 -28.54
C THR A 182 -8.17 -26.22 -27.41
N VAL A 183 -8.40 -24.92 -27.35
CA VAL A 183 -9.45 -24.39 -26.51
C VAL A 183 -10.46 -23.73 -27.43
N TRP A 184 -11.65 -24.33 -27.51
CA TRP A 184 -12.72 -23.79 -28.34
C TRP A 184 -13.51 -22.72 -27.59
N GLY A 185 -14.01 -21.73 -28.33
CA GLY A 185 -14.94 -20.76 -27.76
C GLY A 185 -14.34 -19.39 -27.52
N ASN A 186 -14.25 -19.00 -26.25
CA ASN A 186 -13.69 -17.72 -25.88
C ASN A 186 -12.95 -17.81 -24.54
N HIS A 187 -12.43 -16.67 -24.09
CA HIS A 187 -11.83 -16.59 -22.78
C HIS A 187 -12.91 -16.37 -21.73
N SER A 188 -13.48 -17.46 -21.25
CA SER A 188 -14.55 -17.41 -20.26
C SER A 188 -14.58 -18.74 -19.51
N SER A 189 -15.45 -18.85 -18.52
CA SER A 189 -15.44 -20.05 -17.69
C SER A 189 -16.07 -21.24 -18.40
N THR A 190 -16.82 -20.98 -19.48
CA THR A 190 -17.50 -22.01 -20.22
C THR A 190 -16.73 -22.48 -21.46
N MET A 191 -15.50 -21.99 -21.59
CA MET A 191 -14.60 -22.48 -22.64
C MET A 191 -14.41 -23.99 -22.59
N PHE A 192 -14.05 -24.58 -23.72
CA PHE A 192 -13.84 -26.01 -23.80
C PHE A 192 -12.42 -26.40 -24.22
N PRO A 193 -11.58 -26.80 -23.25
CA PRO A 193 -10.27 -27.35 -23.60
C PRO A 193 -10.41 -28.77 -24.12
N ASP A 194 -9.85 -29.03 -25.29
CA ASP A 194 -10.06 -30.26 -26.02
C ASP A 194 -8.88 -31.22 -25.89
N LEU A 195 -9.09 -32.33 -25.17
CA LEU A 195 -8.05 -33.35 -25.05
C LEU A 195 -8.23 -34.50 -26.04
N PHE A 196 -9.35 -34.53 -26.74
CA PHE A 196 -9.64 -35.61 -27.69
C PHE A 196 -8.72 -35.59 -28.90
N HIS A 197 -8.14 -34.43 -29.17
CA HIS A 197 -7.31 -34.27 -30.34
C HIS A 197 -5.85 -33.97 -29.96
N ALA A 198 -5.64 -33.56 -28.71
CA ALA A 198 -4.31 -33.23 -28.18
C ALA A 198 -3.41 -34.45 -28.07
N GLU A 199 -2.10 -34.21 -28.16
CA GLU A 199 -1.14 -35.31 -28.15
C GLU A 199 -0.02 -35.06 -27.17
N VAL A 200 0.46 -36.16 -26.59
CA VAL A 200 1.57 -36.16 -25.68
C VAL A 200 2.58 -37.13 -26.24
N ASP A 201 3.76 -36.64 -26.63
CA ASP A 201 4.80 -37.45 -27.27
C ASP A 201 4.28 -38.22 -28.47
N GLY A 202 3.48 -37.57 -29.30
CA GLY A 202 2.94 -38.20 -30.49
C GLY A 202 1.79 -39.17 -30.24
N ARG A 203 1.41 -39.34 -28.97
CA ARG A 203 0.34 -40.26 -28.60
C ARG A 203 -0.91 -39.47 -28.22
N PRO A 204 -2.11 -40.04 -28.43
CA PRO A 204 -3.32 -39.30 -28.01
C PRO A 204 -3.30 -39.07 -26.51
N ALA A 205 -3.73 -37.89 -26.06
CA ALA A 205 -3.63 -37.54 -24.65
C ALA A 205 -4.38 -38.51 -23.73
N LEU A 206 -5.49 -39.06 -24.23
CA LEU A 206 -6.31 -39.90 -23.39
C LEU A 206 -5.73 -41.31 -23.27
N GLU A 207 -4.60 -41.55 -23.92
CA GLU A 207 -3.86 -42.77 -23.65
C GLU A 207 -2.93 -42.58 -22.45
N LEU A 208 -2.83 -41.34 -21.97
CA LEU A 208 -1.94 -40.98 -20.87
C LEU A 208 -2.66 -40.41 -19.64
N VAL A 209 -3.87 -39.90 -19.85
CA VAL A 209 -4.71 -39.46 -18.74
C VAL A 209 -6.12 -39.96 -18.99
N ASP A 210 -6.96 -40.02 -17.97
CA ASP A 210 -8.26 -40.61 -18.20
C ASP A 210 -9.40 -39.59 -18.22
N MET A 211 -10.55 -40.05 -18.68
CA MET A 211 -11.69 -39.17 -18.91
C MET A 211 -12.16 -38.52 -17.61
N GLU A 212 -12.10 -39.28 -16.51
CA GLU A 212 -12.52 -38.77 -15.20
C GLU A 212 -11.69 -37.58 -14.78
N TRP A 213 -10.37 -37.69 -14.93
CA TRP A 213 -9.48 -36.60 -14.58
C TRP A 213 -9.71 -35.43 -15.55
N TYR A 214 -9.80 -35.75 -16.84
CA TYR A 214 -10.10 -34.75 -17.86
C TYR A 214 -11.31 -33.93 -17.45
N GLU A 215 -12.36 -34.64 -17.04
CA GLU A 215 -13.66 -34.06 -16.72
C GLU A 215 -13.72 -33.32 -15.39
N LYS A 216 -13.18 -33.93 -14.35
CA LYS A 216 -13.41 -33.44 -12.99
C LYS A 216 -12.27 -32.59 -12.45
N VAL A 217 -11.10 -32.68 -13.07
CA VAL A 217 -9.93 -31.98 -12.56
C VAL A 217 -9.40 -30.97 -13.57
N PHE A 218 -9.02 -31.46 -14.75
CA PHE A 218 -8.37 -30.65 -15.78
C PHE A 218 -9.18 -29.42 -16.20
N ILE A 219 -10.38 -29.68 -16.71
CA ILE A 219 -11.27 -28.62 -17.20
C ILE A 219 -11.60 -27.55 -16.14
N PRO A 220 -12.03 -27.95 -14.93
CA PRO A 220 -12.24 -26.85 -13.97
C PRO A 220 -10.93 -26.18 -13.55
N THR A 221 -9.84 -26.94 -13.47
CA THR A 221 -8.56 -26.35 -13.07
C THR A 221 -8.13 -25.26 -14.04
N VAL A 222 -8.32 -25.51 -15.34
CA VAL A 222 -7.98 -24.54 -16.35
C VAL A 222 -8.92 -23.32 -16.26
N ALA A 223 -10.21 -23.58 -16.07
CA ALA A 223 -11.20 -22.51 -15.98
C ALA A 223 -11.05 -21.61 -14.77
N GLN A 224 -10.55 -22.19 -13.68
CA GLN A 224 -10.44 -21.45 -12.41
C GLN A 224 -9.06 -20.83 -12.20
N ARG A 225 -8.19 -20.96 -13.20
CA ARG A 225 -6.78 -20.64 -13.03
C ARG A 225 -6.52 -19.14 -12.80
N GLY A 226 -7.14 -18.30 -13.62
CA GLY A 226 -7.04 -16.86 -13.47
C GLY A 226 -7.42 -16.39 -12.07
N ALA A 227 -8.49 -16.96 -11.53
CA ALA A 227 -8.92 -16.61 -10.18
C ALA A 227 -7.89 -17.06 -9.15
N ALA A 228 -7.24 -18.18 -9.42
CA ALA A 228 -6.29 -18.73 -8.46
C ALA A 228 -5.05 -17.85 -8.39
N ILE A 229 -4.72 -17.23 -9.52
CA ILE A 229 -3.58 -16.33 -9.61
C ILE A 229 -3.88 -14.97 -8.96
N ILE A 230 -5.08 -14.45 -9.18
CA ILE A 230 -5.52 -13.24 -8.49
C ILE A 230 -5.49 -13.43 -6.97
N GLN A 231 -5.97 -14.59 -6.52
CA GLN A 231 -5.98 -14.93 -5.09
C GLN A 231 -4.57 -14.94 -4.50
N ALA A 232 -3.60 -15.38 -5.29
CA ALA A 232 -2.22 -15.50 -4.81
C ALA A 232 -1.46 -14.17 -4.85
N ARG A 233 -1.58 -13.44 -5.95
CA ARG A 233 -0.79 -12.23 -6.15
C ARG A 233 -1.49 -10.96 -5.69
N GLY A 234 -2.82 -11.00 -5.63
CA GLY A 234 -3.60 -9.80 -5.38
C GLY A 234 -3.66 -8.97 -6.66
N ALA A 235 -3.45 -9.63 -7.79
CA ALA A 235 -3.44 -8.96 -9.09
C ALA A 235 -3.62 -10.00 -10.18
N SER A 236 -4.08 -9.56 -11.36
CA SER A 236 -4.34 -10.48 -12.47
C SER A 236 -3.07 -10.93 -13.18
N SER A 237 -3.24 -11.81 -14.17
CA SER A 237 -2.15 -12.48 -14.88
C SER A 237 -1.51 -11.67 -15.99
N ALA A 238 -0.98 -10.49 -15.67
CA ALA A 238 -0.46 -9.59 -16.72
C ALA A 238 0.65 -10.23 -17.55
N ALA A 239 1.65 -10.80 -16.90
CA ALA A 239 2.83 -11.29 -17.61
C ALA A 239 2.54 -12.49 -18.53
N SER A 240 1.76 -13.44 -18.04
CA SER A 240 1.42 -14.61 -18.85
C SER A 240 0.40 -14.27 -19.93
N ALA A 241 -0.49 -13.32 -19.64
CA ALA A 241 -1.35 -12.73 -20.66
C ALA A 241 -0.55 -12.12 -21.81
N ALA A 242 0.46 -11.31 -21.45
CA ALA A 242 1.29 -10.65 -22.44
C ALA A 242 2.00 -11.69 -23.28
N ASN A 243 2.49 -12.73 -22.61
CA ASN A 243 3.17 -13.82 -23.29
C ASN A 243 2.27 -14.52 -24.30
N ALA A 244 1.03 -14.78 -23.89
CA ALA A 244 0.03 -15.37 -24.78
C ALA A 244 -0.25 -14.46 -25.99
N ALA A 245 -0.28 -13.15 -25.76
CA ALA A 245 -0.55 -12.20 -26.86
C ALA A 245 0.61 -12.23 -27.86
N ILE A 246 1.83 -12.29 -27.34
CA ILE A 246 3.00 -12.27 -28.19
C ILE A 246 3.04 -13.52 -29.08
N GLU A 247 2.74 -14.66 -28.49
CA GLU A 247 2.78 -15.92 -29.23
C GLU A 247 1.61 -16.01 -30.22
N HIS A 248 0.45 -15.52 -29.80
CA HIS A 248 -0.67 -15.37 -30.71
C HIS A 248 -0.20 -14.67 -32.01
N ILE A 249 0.43 -13.50 -31.87
CA ILE A 249 0.90 -12.74 -33.04
C ILE A 249 2.05 -13.45 -33.73
N ARG A 250 2.97 -13.96 -32.92
CA ARG A 250 4.16 -14.57 -33.46
C ARG A 250 3.83 -15.78 -34.32
N ASP A 251 2.97 -16.65 -33.82
CA ASP A 251 2.59 -17.84 -34.59
C ASP A 251 1.83 -17.45 -35.84
N TRP A 252 0.91 -16.51 -35.69
CA TRP A 252 0.20 -15.92 -36.81
C TRP A 252 1.18 -15.40 -37.86
N ALA A 253 2.16 -14.62 -37.43
CA ALA A 253 3.06 -13.95 -38.36
C ALA A 253 4.13 -14.87 -38.93
N LEU A 254 4.78 -15.66 -38.07
CA LEU A 254 5.92 -16.47 -38.47
C LEU A 254 5.60 -17.94 -38.74
N GLY A 255 4.35 -18.34 -38.53
CA GLY A 255 3.94 -19.71 -38.80
C GLY A 255 3.91 -20.63 -37.59
N THR A 256 3.11 -21.68 -37.69
CA THR A 256 2.98 -22.68 -36.64
C THR A 256 3.89 -23.85 -36.94
N PRO A 257 4.33 -24.60 -35.92
CA PRO A 257 5.19 -25.77 -36.20
C PRO A 257 4.46 -26.81 -37.03
N GLU A 258 5.17 -27.53 -37.87
CA GLU A 258 4.53 -28.56 -38.68
C GLU A 258 4.03 -29.69 -37.80
N GLY A 259 2.86 -30.23 -38.16
CA GLY A 259 2.21 -31.24 -37.36
C GLY A 259 1.48 -30.68 -36.14
N ASP A 260 1.53 -29.36 -35.95
CA ASP A 260 0.96 -28.75 -34.75
C ASP A 260 -0.10 -27.70 -35.13
N TRP A 261 -0.83 -27.20 -34.14
CA TRP A 261 -1.75 -26.12 -34.36
C TRP A 261 -1.96 -25.37 -33.05
N VAL A 262 -2.60 -24.21 -33.12
CA VAL A 262 -2.85 -23.41 -31.94
C VAL A 262 -4.30 -22.96 -31.92
N SER A 263 -4.71 -22.33 -30.83
CA SER A 263 -6.05 -21.78 -30.73
C SER A 263 -5.99 -20.28 -31.03
N MET A 264 -6.95 -19.80 -31.82
CA MET A 264 -7.17 -18.38 -32.06
C MET A 264 -8.66 -18.11 -32.23
N ALA A 265 -9.18 -17.06 -31.59
CA ALA A 265 -10.55 -16.68 -31.87
C ALA A 265 -10.60 -15.80 -33.11
N VAL A 266 -11.28 -16.32 -34.13
CA VAL A 266 -11.36 -15.69 -35.44
C VAL A 266 -12.81 -15.78 -35.90
N PRO A 267 -13.24 -14.86 -36.80
CA PRO A 267 -14.60 -14.89 -37.37
C PRO A 267 -14.96 -16.24 -37.93
N SER A 268 -16.05 -16.80 -37.43
CA SER A 268 -16.51 -18.10 -37.90
C SER A 268 -17.19 -17.96 -39.26
N GLN A 269 -16.93 -18.94 -40.13
CA GLN A 269 -17.58 -19.01 -41.42
C GLN A 269 -18.68 -20.06 -41.42
N GLY A 270 -19.02 -20.55 -40.23
CA GLY A 270 -20.14 -21.48 -40.08
C GLY A 270 -19.75 -22.92 -39.82
N GLU A 271 -18.44 -23.20 -39.73
CA GLU A 271 -17.96 -24.58 -39.61
C GLU A 271 -18.04 -25.08 -38.17
N TYR A 272 -17.99 -26.40 -38.01
CA TYR A 272 -18.00 -27.05 -36.70
C TYR A 272 -19.20 -26.64 -35.85
N GLY A 273 -20.34 -26.43 -36.50
CA GLY A 273 -21.56 -26.01 -35.81
C GLY A 273 -21.47 -24.67 -35.09
N ILE A 274 -20.51 -23.83 -35.48
CA ILE A 274 -20.33 -22.52 -34.86
C ILE A 274 -21.03 -21.46 -35.72
N PRO A 275 -21.97 -20.70 -35.13
CA PRO A 275 -22.71 -19.70 -35.90
C PRO A 275 -21.77 -18.75 -36.64
N GLU A 276 -22.10 -18.48 -37.90
CA GLU A 276 -21.28 -17.62 -38.75
C GLU A 276 -21.24 -16.19 -38.23
N GLY A 277 -20.08 -15.55 -38.33
CA GLY A 277 -19.99 -14.13 -38.06
C GLY A 277 -19.43 -13.81 -36.70
N ILE A 278 -19.73 -14.65 -35.73
CA ILE A 278 -19.16 -14.45 -34.40
C ILE A 278 -17.68 -14.78 -34.45
N VAL A 279 -16.92 -14.16 -33.56
CA VAL A 279 -15.52 -14.46 -33.40
C VAL A 279 -15.44 -15.59 -32.40
N TYR A 280 -14.69 -16.65 -32.71
CA TYR A 280 -14.76 -17.89 -31.95
C TYR A 280 -13.44 -18.63 -32.04
N SER A 281 -13.00 -19.20 -30.94
CA SER A 281 -11.70 -19.84 -30.92
C SER A 281 -11.73 -21.23 -31.59
N PHE A 282 -10.93 -21.36 -32.65
CA PHE A 282 -10.77 -22.60 -33.40
C PHE A 282 -9.33 -23.13 -33.27
N PRO A 283 -9.10 -24.41 -33.58
CA PRO A 283 -7.72 -24.83 -33.81
C PRO A 283 -7.26 -24.34 -35.19
N VAL A 284 -6.11 -23.67 -35.25
CA VAL A 284 -5.65 -23.10 -36.52
C VAL A 284 -4.18 -23.38 -36.75
N THR A 285 -3.82 -23.53 -38.02
CA THR A 285 -2.43 -23.44 -38.42
C THR A 285 -2.20 -22.05 -39.02
N ALA A 286 -0.94 -21.71 -39.20
CA ALA A 286 -0.59 -20.46 -39.86
C ALA A 286 0.67 -20.65 -40.69
N LYS A 287 0.65 -20.08 -41.89
CA LYS A 287 1.79 -20.12 -42.79
C LYS A 287 1.80 -18.82 -43.61
N ASP A 288 2.96 -18.18 -43.68
CA ASP A 288 3.12 -16.92 -44.42
C ASP A 288 2.21 -15.79 -43.96
N GLY A 289 2.04 -15.64 -42.65
CA GLY A 289 1.19 -14.59 -42.10
C GLY A 289 -0.31 -14.80 -42.29
N ALA A 290 -0.69 -15.94 -42.85
CA ALA A 290 -2.11 -16.28 -42.98
C ALA A 290 -2.47 -17.48 -42.10
N TYR A 291 -3.64 -17.46 -41.47
CA TYR A 291 -4.07 -18.61 -40.66
C TYR A 291 -5.15 -19.37 -41.38
N ARG A 292 -5.31 -20.63 -41.01
CA ARG A 292 -6.31 -21.52 -41.58
C ARG A 292 -6.87 -22.44 -40.50
N VAL A 293 -8.20 -22.47 -40.41
CA VAL A 293 -8.86 -23.34 -39.46
C VAL A 293 -8.59 -24.80 -39.84
N VAL A 294 -8.12 -25.60 -38.87
CA VAL A 294 -7.92 -27.01 -39.09
C VAL A 294 -9.26 -27.64 -39.42
N GLU A 295 -9.37 -28.29 -40.58
CA GLU A 295 -10.66 -28.88 -40.96
C GLU A 295 -10.65 -30.39 -40.91
N GLY A 296 -11.84 -30.97 -40.82
CA GLY A 296 -12.01 -32.41 -40.92
C GLY A 296 -11.78 -33.17 -39.63
N LEU A 297 -11.71 -32.44 -38.51
CA LEU A 297 -11.65 -33.07 -37.21
C LEU A 297 -12.98 -33.72 -36.84
N GLU A 298 -12.93 -34.97 -36.43
CA GLU A 298 -14.09 -35.64 -35.83
C GLU A 298 -14.40 -35.03 -34.45
N ILE A 299 -15.59 -34.43 -34.33
CA ILE A 299 -16.09 -33.91 -33.06
C ILE A 299 -17.15 -34.84 -32.46
N ASN A 300 -17.02 -35.18 -31.18
CA ASN A 300 -18.03 -36.04 -30.56
C ASN A 300 -19.08 -35.23 -29.80
N GLU A 301 -20.12 -35.89 -29.32
CA GLU A 301 -21.28 -35.18 -28.79
C GLU A 301 -20.97 -34.56 -27.43
N PHE A 302 -20.05 -35.16 -26.70
CA PHE A 302 -19.57 -34.61 -25.44
C PHE A 302 -18.97 -33.21 -25.68
N ALA A 303 -18.21 -33.09 -26.76
CA ALA A 303 -17.49 -31.86 -27.09
C ALA A 303 -18.43 -30.82 -27.71
N ARG A 304 -19.17 -31.25 -28.73
CA ARG A 304 -20.11 -30.39 -29.44
C ARG A 304 -21.04 -29.68 -28.46
N LYS A 305 -21.55 -30.43 -27.49
CA LYS A 305 -22.44 -29.85 -26.49
C LYS A 305 -21.75 -28.72 -25.73
N ARG A 306 -20.50 -28.93 -25.34
CA ARG A 306 -19.77 -27.93 -24.58
C ARG A 306 -19.36 -26.76 -25.47
N MET A 307 -19.02 -27.02 -26.73
CA MET A 307 -18.68 -25.94 -27.66
C MET A 307 -19.87 -25.00 -27.86
N GLU A 308 -21.06 -25.59 -27.98
CA GLU A 308 -22.26 -24.83 -28.29
C GLU A 308 -22.66 -23.87 -27.18
N ILE A 309 -22.23 -24.13 -25.95
CA ILE A 309 -22.56 -23.23 -24.85
C ILE A 309 -21.97 -21.84 -25.13
N THR A 310 -20.70 -21.78 -25.49
CA THR A 310 -20.10 -20.48 -25.83
C THR A 310 -20.54 -19.99 -27.22
N ALA A 311 -20.64 -20.89 -28.18
CA ALA A 311 -21.16 -20.54 -29.50
C ALA A 311 -22.49 -19.80 -29.38
N GLN A 312 -23.39 -20.32 -28.53
CA GLN A 312 -24.71 -19.73 -28.43
C GLN A 312 -24.67 -18.46 -27.59
N GLU A 313 -23.76 -18.38 -26.62
CA GLU A 313 -23.70 -17.18 -25.79
C GLU A 313 -23.03 -16.01 -26.55
N LEU A 314 -22.15 -16.34 -27.50
CA LEU A 314 -21.57 -15.33 -28.38
C LEU A 314 -22.60 -14.84 -29.42
N LEU A 315 -23.37 -15.78 -29.97
CA LEU A 315 -24.43 -15.44 -30.92
C LEU A 315 -25.42 -14.46 -30.29
N ASP A 316 -25.77 -14.72 -29.04
CA ASP A 316 -26.63 -13.83 -28.27
C ASP A 316 -26.01 -12.45 -28.12
N GLU A 317 -24.69 -12.42 -27.89
CA GLU A 317 -24.00 -11.13 -27.76
C GLU A 317 -23.98 -10.39 -29.10
N MET A 318 -23.78 -11.13 -30.19
CA MET A 318 -23.81 -10.56 -31.53
C MET A 318 -25.18 -9.95 -31.82
N GLU A 319 -26.24 -10.61 -31.38
CA GLU A 319 -27.58 -10.07 -31.59
C GLU A 319 -27.79 -8.83 -30.71
N GLN A 320 -27.34 -8.92 -29.46
CA GLN A 320 -27.46 -7.83 -28.52
C GLN A 320 -26.68 -6.59 -28.97
N VAL A 321 -25.54 -6.81 -29.63
CA VAL A 321 -24.75 -5.71 -30.19
C VAL A 321 -25.48 -5.08 -31.38
N LYS A 322 -26.18 -5.91 -32.14
CA LYS A 322 -26.93 -5.39 -33.30
C LYS A 322 -28.09 -4.52 -32.84
N ALA A 323 -28.77 -4.96 -31.79
CA ALA A 323 -29.93 -4.23 -31.28
C ALA A 323 -29.54 -2.85 -30.77
N LEU A 324 -28.29 -2.71 -30.35
CA LEU A 324 -27.80 -1.44 -29.84
C LEU A 324 -27.16 -0.62 -30.95
N GLY A 325 -27.23 -1.14 -32.17
CA GLY A 325 -26.68 -0.46 -33.33
C GLY A 325 -25.20 -0.13 -33.24
N LEU A 326 -24.40 -1.11 -32.83
CA LEU A 326 -22.94 -0.94 -32.77
C LEU A 326 -22.29 -1.57 -34.01
N MET B 1 -0.84 13.12 -0.01
CA MET B 1 -0.89 12.37 -1.26
C MET B 1 -2.16 12.68 -2.06
N LYS B 2 -3.26 12.05 -1.69
CA LYS B 2 -4.55 12.33 -2.31
C LYS B 2 -5.00 13.75 -1.96
N ALA B 3 -5.75 14.37 -2.86
CA ALA B 3 -6.37 15.66 -2.58
C ALA B 3 -7.26 15.54 -1.36
N PRO B 4 -7.32 16.60 -0.54
CA PRO B 4 -8.12 16.54 0.69
C PRO B 4 -9.62 16.34 0.46
N VAL B 5 -10.29 15.74 1.44
CA VAL B 5 -11.74 15.67 1.45
C VAL B 5 -12.28 16.46 2.62
N ARG B 6 -13.52 16.91 2.49
CA ARG B 6 -14.12 17.80 3.46
C ARG B 6 -15.08 17.04 4.33
N VAL B 7 -14.83 17.07 5.63
CA VAL B 7 -15.64 16.34 6.57
C VAL B 7 -16.37 17.29 7.47
N ALA B 8 -17.69 17.29 7.35
CA ALA B 8 -18.54 18.08 8.21
C ALA B 8 -18.93 17.26 9.44
N VAL B 9 -18.85 17.87 10.62
CA VAL B 9 -19.29 17.21 11.84
C VAL B 9 -20.11 18.16 12.69
N THR B 10 -21.35 17.78 13.01
CA THR B 10 -22.20 18.61 13.85
C THR B 10 -22.05 18.21 15.29
N GLY B 11 -22.62 18.99 16.21
CA GLY B 11 -22.49 18.75 17.63
C GLY B 11 -21.03 18.64 18.03
N ALA B 12 -20.18 19.36 17.32
CA ALA B 12 -18.74 19.13 17.35
C ALA B 12 -18.09 19.31 18.72
N ALA B 13 -18.79 19.96 19.65
CA ALA B 13 -18.18 20.26 20.95
C ALA B 13 -18.76 19.38 22.05
N GLY B 14 -19.62 18.43 21.68
CA GLY B 14 -20.18 17.47 22.62
C GLY B 14 -19.25 16.31 22.92
N GLN B 15 -19.68 15.42 23.81
CA GLN B 15 -18.84 14.31 24.26
C GLN B 15 -18.44 13.37 23.12
N ILE B 16 -19.36 13.07 22.21
CA ILE B 16 -19.01 12.20 21.09
C ILE B 16 -18.05 12.89 20.11
N GLY B 17 -18.27 14.17 19.83
CA GLY B 17 -17.37 14.92 18.99
C GLY B 17 -15.95 14.97 19.53
N TYR B 18 -15.83 15.13 20.85
CA TYR B 18 -14.53 15.18 21.51
C TYR B 18 -13.74 13.88 21.37
N SER B 19 -14.43 12.75 21.33
CA SER B 19 -13.78 11.46 21.11
C SER B 19 -13.49 11.24 19.64
N LEU B 20 -14.31 11.85 18.79
CA LEU B 20 -14.34 11.55 17.37
C LEU B 20 -13.36 12.38 16.50
N LEU B 21 -13.27 13.68 16.74
CA LEU B 21 -12.55 14.56 15.82
C LEU B 21 -11.05 14.25 15.74
N PHE B 22 -10.47 13.91 16.89
CA PHE B 22 -9.05 13.67 16.99
C PHE B 22 -8.62 12.40 16.23
N ARG B 23 -9.45 11.36 16.26
CA ARG B 23 -9.14 10.14 15.52
C ARG B 23 -9.34 10.33 14.00
N ILE B 24 -10.32 11.15 13.62
CA ILE B 24 -10.49 11.51 12.23
C ILE B 24 -9.29 12.30 11.70
N ALA B 25 -8.93 13.37 12.40
CA ALA B 25 -7.76 14.17 12.00
C ALA B 25 -6.48 13.36 12.00
N ALA B 26 -6.41 12.33 12.83
CA ALA B 26 -5.24 11.44 12.83
C ALA B 26 -5.24 10.51 11.62
N GLY B 27 -6.38 10.41 10.92
CA GLY B 27 -6.46 9.56 9.75
C GLY B 27 -7.06 8.18 10.01
N GLU B 28 -7.59 7.96 11.21
CA GLU B 28 -8.21 6.67 11.55
C GLU B 28 -9.48 6.37 10.71
N MET B 29 -10.09 7.39 10.14
CA MET B 29 -11.36 7.16 9.46
C MET B 29 -11.24 6.88 7.97
N LEU B 30 -10.31 7.55 7.30
CA LEU B 30 -10.26 7.43 5.85
C LEU B 30 -8.90 6.96 5.30
N GLY B 31 -7.97 6.66 6.19
CA GLY B 31 -6.66 6.18 5.79
C GLY B 31 -5.56 7.22 5.93
N LYS B 32 -4.33 6.75 6.16
CA LYS B 32 -3.18 7.60 6.44
C LYS B 32 -2.74 8.44 5.24
N ASP B 33 -3.32 8.17 4.09
CA ASP B 33 -2.95 8.86 2.86
C ASP B 33 -4.04 9.81 2.39
N GLN B 34 -4.94 10.16 3.30
CA GLN B 34 -6.12 10.95 2.97
C GLN B 34 -6.26 12.18 3.88
N PRO B 35 -5.76 13.32 3.42
CA PRO B 35 -5.90 14.56 4.19
C PRO B 35 -7.36 14.94 4.40
N VAL B 36 -7.71 15.47 5.57
CA VAL B 36 -9.08 15.91 5.78
C VAL B 36 -9.18 17.39 6.15
N ILE B 37 -10.27 18.02 5.73
CA ILE B 37 -10.60 19.36 6.20
C ILE B 37 -11.81 19.21 7.12
N LEU B 38 -11.64 19.52 8.40
CA LEU B 38 -12.78 19.40 9.31
C LEU B 38 -13.57 20.71 9.31
N GLN B 39 -14.87 20.58 9.11
CA GLN B 39 -15.78 21.70 9.13
C GLN B 39 -16.82 21.47 10.21
N LEU B 40 -16.65 22.16 11.32
CA LEU B 40 -17.36 21.82 12.54
C LEU B 40 -18.52 22.74 12.79
N LEU B 41 -19.64 22.14 13.17
CA LEU B 41 -20.87 22.87 13.43
C LEU B 41 -21.25 22.75 14.91
N GLU B 42 -21.71 23.85 15.48
CA GLU B 42 -22.31 23.83 16.80
C GLU B 42 -23.48 24.80 16.84
N ILE B 43 -24.30 24.71 17.90
CA ILE B 43 -25.31 25.75 18.14
C ILE B 43 -24.59 26.99 18.69
N PRO B 44 -25.21 28.19 18.54
CA PRO B 44 -24.54 29.43 18.96
C PRO B 44 -24.02 29.39 20.40
N GLN B 45 -24.77 28.76 21.29
CA GLN B 45 -24.40 28.68 22.70
C GLN B 45 -23.13 27.88 22.94
N ALA B 46 -22.74 27.08 21.96
CA ALA B 46 -21.63 26.14 22.17
C ALA B 46 -20.38 26.54 21.39
N MET B 47 -20.42 27.67 20.71
CA MET B 47 -19.30 28.08 19.85
C MET B 47 -18.02 28.38 20.62
N LYS B 48 -18.16 28.84 21.86
CA LYS B 48 -17.01 29.17 22.69
C LYS B 48 -16.26 27.88 23.05
N ALA B 49 -17.01 26.85 23.42
CA ALA B 49 -16.43 25.54 23.68
C ALA B 49 -15.84 24.96 22.41
N LEU B 50 -16.53 25.18 21.28
CA LEU B 50 -16.04 24.69 20.00
C LEU B 50 -14.67 25.27 19.63
N GLU B 51 -14.45 26.56 19.88
CA GLU B 51 -13.17 27.17 19.56
C GLU B 51 -12.06 26.57 20.42
N GLY B 52 -12.43 26.09 21.60
CA GLY B 52 -11.49 25.40 22.48
C GLY B 52 -11.08 24.06 21.91
N VAL B 53 -12.02 23.35 21.31
CA VAL B 53 -11.74 22.07 20.69
C VAL B 53 -10.89 22.27 19.44
N VAL B 54 -11.17 23.35 18.70
CA VAL B 54 -10.36 23.77 17.57
C VAL B 54 -8.91 23.99 18.01
N MET B 55 -8.73 24.74 19.10
CA MET B 55 -7.40 24.96 19.65
C MET B 55 -6.70 23.62 19.91
N GLU B 56 -7.38 22.70 20.59
CA GLU B 56 -6.80 21.40 20.91
C GLU B 56 -6.43 20.56 19.70
N LEU B 57 -7.32 20.55 18.71
CA LEU B 57 -7.01 19.92 17.42
C LEU B 57 -5.71 20.49 16.84
N GLU B 58 -5.60 21.82 16.83
CA GLU B 58 -4.38 22.46 16.33
C GLU B 58 -3.15 22.00 17.11
N ASP B 59 -3.30 21.85 18.43
CA ASP B 59 -2.19 21.45 19.28
C ASP B 59 -1.79 19.98 19.18
N CYS B 60 -2.46 19.22 18.32
CA CYS B 60 -2.03 17.84 18.06
C CYS B 60 -1.06 17.77 16.89
N ALA B 61 -1.00 18.85 16.13
CA ALA B 61 -0.07 18.99 15.02
C ALA B 61 -0.24 17.83 14.04
N PHE B 62 -1.50 17.54 13.73
CA PHE B 62 -1.83 16.47 12.83
C PHE B 62 -1.37 16.79 11.42
N PRO B 63 -0.55 15.91 10.83
CA PRO B 63 -0.08 16.16 9.46
C PRO B 63 -1.18 16.09 8.38
N LEU B 64 -2.24 15.34 8.61
CA LEU B 64 -3.30 15.14 7.61
C LEU B 64 -4.45 16.13 7.77
N LEU B 65 -4.39 16.97 8.79
CA LEU B 65 -5.44 17.98 8.95
C LEU B 65 -5.15 19.16 8.04
N ALA B 66 -5.77 19.17 6.85
CA ALA B 66 -5.45 20.14 5.80
C ALA B 66 -6.25 21.42 5.94
N GLY B 67 -7.30 21.40 6.74
CA GLY B 67 -8.04 22.62 7.00
C GLY B 67 -8.89 22.40 8.22
N LEU B 68 -9.42 23.48 8.79
CA LEU B 68 -10.19 23.38 10.01
C LEU B 68 -11.02 24.65 10.18
N GLU B 69 -12.33 24.53 10.30
CA GLU B 69 -13.15 25.70 10.57
C GLU B 69 -14.29 25.36 11.52
N ALA B 70 -14.77 26.38 12.21
CA ALA B 70 -15.86 26.23 13.16
C ALA B 70 -16.92 27.25 12.83
N THR B 71 -18.18 26.88 13.00
CA THR B 71 -19.28 27.74 12.58
C THR B 71 -20.59 27.31 13.22
N ASP B 72 -21.55 28.22 13.32
CA ASP B 72 -22.87 27.84 13.80
C ASP B 72 -23.86 27.93 12.64
N ASP B 73 -23.32 27.91 11.43
CA ASP B 73 -24.12 28.02 10.22
C ASP B 73 -23.95 26.79 9.35
N PRO B 74 -25.01 25.97 9.24
CA PRO B 74 -25.04 24.72 8.46
C PRO B 74 -24.60 24.92 7.01
N LYS B 75 -25.04 26.01 6.40
CA LYS B 75 -24.66 26.27 5.01
C LYS B 75 -23.16 26.52 4.86
N VAL B 76 -22.48 26.84 5.97
CA VAL B 76 -21.03 26.97 5.94
C VAL B 76 -20.39 25.62 6.24
N ALA B 77 -20.87 24.95 7.27
CA ALA B 77 -20.30 23.68 7.68
C ALA B 77 -20.39 22.62 6.60
N PHE B 78 -21.43 22.70 5.78
CA PHE B 78 -21.71 21.64 4.82
C PHE B 78 -21.16 21.93 3.44
N LYS B 79 -20.54 23.09 3.27
CA LYS B 79 -20.10 23.54 1.96
C LYS B 79 -19.05 22.60 1.37
N ASP B 80 -19.36 22.04 0.21
CA ASP B 80 -18.50 21.07 -0.48
C ASP B 80 -18.10 19.89 0.40
N ALA B 81 -18.94 19.55 1.37
CA ALA B 81 -18.71 18.35 2.21
C ALA B 81 -18.83 17.09 1.38
N ASP B 82 -17.82 16.23 1.53
CA ASP B 82 -17.85 14.90 0.95
C ASP B 82 -18.43 13.92 1.94
N TYR B 83 -18.17 14.17 3.22
CA TYR B 83 -18.73 13.38 4.33
C TYR B 83 -19.44 14.31 5.30
N ALA B 84 -20.54 13.85 5.88
CA ALA B 84 -21.23 14.65 6.89
C ALA B 84 -21.68 13.79 8.05
N LEU B 85 -21.15 14.06 9.23
CA LEU B 85 -21.50 13.30 10.41
C LEU B 85 -22.47 14.08 11.27
N LEU B 86 -23.72 13.64 11.27
CA LEU B 86 -24.78 14.38 11.93
C LEU B 86 -24.93 13.85 13.35
N VAL B 87 -24.13 14.41 14.25
CA VAL B 87 -24.06 13.93 15.62
C VAL B 87 -25.04 14.66 16.52
N GLY B 88 -25.11 15.98 16.37
CA GLY B 88 -25.99 16.79 17.19
C GLY B 88 -27.47 16.63 16.86
N ALA B 89 -28.25 16.33 17.89
CA ALA B 89 -29.70 16.23 17.78
C ALA B 89 -30.32 17.01 18.94
N ALA B 90 -31.58 16.72 19.27
CA ALA B 90 -32.21 17.37 20.41
C ALA B 90 -31.59 16.86 21.73
N PRO B 91 -31.57 17.71 22.77
CA PRO B 91 -31.17 17.28 24.12
C PRO B 91 -32.28 16.62 24.92
N LEU B 101 -40.36 17.15 21.32
CA LEU B 101 -39.04 16.58 21.05
C LEU B 101 -38.94 16.16 19.60
N LEU B 102 -40.01 15.58 19.09
CA LEU B 102 -40.05 15.18 17.69
C LEU B 102 -39.97 16.41 16.80
N GLN B 103 -40.61 17.49 17.25
CA GLN B 103 -40.62 18.73 16.50
C GLN B 103 -39.27 19.43 16.57
N VAL B 104 -38.58 19.28 17.69
CA VAL B 104 -37.23 19.83 17.82
C VAL B 104 -36.26 19.16 16.84
N ASN B 105 -36.30 17.84 16.77
CA ASN B 105 -35.47 17.12 15.81
C ASN B 105 -35.94 17.36 14.38
N GLY B 106 -37.25 17.51 14.22
CA GLY B 106 -37.80 17.83 12.93
C GLY B 106 -37.25 19.15 12.39
N LYS B 107 -37.10 20.13 13.26
CA LYS B 107 -36.51 21.40 12.86
C LYS B 107 -35.05 21.22 12.50
N ILE B 108 -34.33 20.45 13.31
CA ILE B 108 -32.90 20.30 13.13
C ILE B 108 -32.57 19.59 11.83
N PHE B 109 -33.28 18.50 11.56
CA PHE B 109 -32.87 17.65 10.44
C PHE B 109 -33.52 18.07 9.13
N THR B 110 -34.64 18.77 9.20
CA THR B 110 -35.15 19.47 8.01
C THR B 110 -34.12 20.49 7.55
N GLU B 111 -33.75 21.38 8.45
CA GLU B 111 -32.80 22.45 8.14
C GLU B 111 -31.48 21.88 7.63
N GLN B 112 -30.96 20.85 8.28
CA GLN B 112 -29.67 20.30 7.89
C GLN B 112 -29.75 19.50 6.59
N GLY B 113 -30.90 18.91 6.32
CA GLY B 113 -31.14 18.28 5.03
C GLY B 113 -31.10 19.30 3.90
N ARG B 114 -31.78 20.42 4.09
CA ARG B 114 -31.85 21.42 3.04
C ARG B 114 -30.47 22.03 2.79
N ALA B 115 -29.74 22.28 3.87
CA ALA B 115 -28.41 22.87 3.77
C ALA B 115 -27.50 21.94 2.97
N LEU B 116 -27.62 20.64 3.23
CA LEU B 116 -26.81 19.65 2.53
C LEU B 116 -27.13 19.64 1.03
N ALA B 117 -28.41 19.68 0.71
CA ALA B 117 -28.82 19.76 -0.68
C ALA B 117 -28.25 21.02 -1.35
N GLU B 118 -28.31 22.14 -0.65
CA GLU B 118 -27.86 23.42 -1.24
C GLU B 118 -26.35 23.50 -1.52
N VAL B 119 -25.51 23.00 -0.61
CA VAL B 119 -24.07 23.30 -0.69
C VAL B 119 -23.11 22.11 -0.65
N ALA B 120 -23.55 20.95 -0.18
CA ALA B 120 -22.63 19.80 -0.10
C ALA B 120 -22.37 19.25 -1.49
N LYS B 121 -21.32 18.44 -1.63
CA LYS B 121 -21.10 17.69 -2.86
C LYS B 121 -22.35 16.85 -3.15
N LYS B 122 -22.65 16.61 -4.42
CA LYS B 122 -23.86 15.86 -4.76
C LYS B 122 -23.80 14.45 -4.18
N ASP B 123 -22.63 13.83 -4.20
CA ASP B 123 -22.46 12.46 -3.69
C ASP B 123 -22.01 12.41 -2.23
N VAL B 124 -22.39 13.42 -1.46
CA VAL B 124 -22.03 13.48 -0.05
C VAL B 124 -22.55 12.27 0.72
N LYS B 125 -21.65 11.66 1.48
CA LYS B 125 -21.98 10.53 2.34
C LYS B 125 -22.39 11.05 3.71
N VAL B 126 -23.61 10.73 4.14
CA VAL B 126 -24.18 11.28 5.36
C VAL B 126 -24.44 10.21 6.43
N LEU B 127 -23.85 10.39 7.60
CA LEU B 127 -24.10 9.48 8.71
C LEU B 127 -24.79 10.20 9.87
N VAL B 128 -25.98 9.74 10.22
CA VAL B 128 -26.69 10.29 11.37
C VAL B 128 -26.44 9.46 12.64
N VAL B 129 -25.88 10.12 13.65
CA VAL B 129 -25.58 9.47 14.91
C VAL B 129 -26.59 9.84 15.98
N GLY B 130 -26.96 11.12 16.01
CA GLY B 130 -27.87 11.63 17.04
C GLY B 130 -29.19 10.91 17.04
N ASN B 131 -29.65 10.48 18.22
CA ASN B 131 -30.88 9.72 18.34
C ASN B 131 -32.13 10.59 18.25
N PRO B 132 -33.26 10.02 17.78
CA PRO B 132 -33.50 8.72 17.14
C PRO B 132 -32.97 8.70 15.72
N ALA B 133 -31.83 8.06 15.51
CA ALA B 133 -31.04 8.25 14.30
C ALA B 133 -31.74 7.86 13.01
N ASN B 134 -32.46 6.74 13.03
CA ASN B 134 -33.14 6.23 11.84
C ASN B 134 -34.15 7.23 11.27
N THR B 135 -35.01 7.74 12.15
CA THR B 135 -36.02 8.70 11.75
C THR B 135 -35.40 10.07 11.40
N ASN B 136 -34.37 10.48 12.15
CA ASN B 136 -33.67 11.73 11.87
C ASN B 136 -33.07 11.67 10.49
N ALA B 137 -32.57 10.50 10.11
CA ALA B 137 -32.00 10.34 8.77
C ALA B 137 -33.10 10.35 7.72
N LEU B 138 -34.27 9.82 8.07
CA LEU B 138 -35.42 9.88 7.20
C LEU B 138 -35.80 11.33 6.95
N ILE B 139 -35.94 12.09 8.02
CA ILE B 139 -36.27 13.50 7.95
C ILE B 139 -35.29 14.22 7.04
N ALA B 140 -34.02 13.89 7.23
CA ALA B 140 -32.95 14.56 6.50
C ALA B 140 -32.98 14.23 5.01
N TYR B 141 -33.13 12.95 4.63
CA TYR B 141 -33.08 12.68 3.19
C TYR B 141 -34.35 13.17 2.48
N LYS B 142 -35.48 13.23 3.18
CA LYS B 142 -36.73 13.71 2.56
C LYS B 142 -36.67 15.20 2.25
N ASN B 143 -35.80 15.90 2.97
CA ASN B 143 -35.68 17.33 2.86
C ASN B 143 -34.40 17.67 2.13
N ALA B 144 -33.89 16.70 1.38
CA ALA B 144 -32.63 16.88 0.68
C ALA B 144 -32.81 16.64 -0.81
N PRO B 145 -33.57 17.53 -1.49
CA PRO B 145 -33.84 17.36 -2.91
C PRO B 145 -32.58 17.50 -3.75
N GLY B 146 -32.36 16.56 -4.67
CA GLY B 146 -31.20 16.58 -5.53
C GLY B 146 -30.09 15.72 -4.96
N LEU B 147 -30.25 15.33 -3.70
CA LEU B 147 -29.33 14.39 -3.07
C LEU B 147 -29.90 12.98 -3.12
N ASN B 148 -29.05 12.02 -3.47
CA ASN B 148 -29.44 10.61 -3.50
C ASN B 148 -29.81 10.15 -2.09
N PRO B 149 -31.04 9.63 -1.94
CA PRO B 149 -31.51 9.08 -0.67
C PRO B 149 -30.58 7.99 -0.15
N ARG B 150 -29.97 7.20 -1.04
CA ARG B 150 -29.15 6.06 -0.60
C ARG B 150 -27.92 6.49 0.22
N ASN B 151 -27.47 7.74 0.06
CA ASN B 151 -26.31 8.19 0.83
C ASN B 151 -26.70 8.74 2.19
N PHE B 152 -27.95 8.54 2.57
CA PHE B 152 -28.38 8.91 3.91
C PHE B 152 -28.51 7.68 4.82
N THR B 153 -27.66 7.62 5.84
CA THR B 153 -27.59 6.46 6.72
C THR B 153 -27.63 6.83 8.21
N ALA B 154 -27.88 5.83 9.04
CA ALA B 154 -27.95 5.97 10.49
C ALA B 154 -27.07 4.92 11.16
N MET B 155 -26.71 5.13 12.43
CA MET B 155 -25.68 4.27 13.02
C MET B 155 -26.25 3.16 13.87
N THR B 156 -25.88 1.93 13.54
CA THR B 156 -26.16 0.80 14.43
C THR B 156 -24.87 0.01 14.70
N ARG B 157 -23.75 0.51 14.20
CA ARG B 157 -22.45 -0.15 14.34
C ARG B 157 -22.02 -0.35 15.81
N LEU B 158 -22.43 0.56 16.69
CA LEU B 158 -22.16 0.38 18.10
C LEU B 158 -22.82 -0.90 18.66
N ASP B 159 -24.09 -1.13 18.33
CA ASP B 159 -24.77 -2.33 18.80
C ASP B 159 -24.13 -3.58 18.17
N HIS B 160 -23.85 -3.47 16.88
CA HIS B 160 -23.11 -4.47 16.12
C HIS B 160 -21.81 -4.81 16.85
N ASN B 161 -21.01 -3.78 17.15
CA ASN B 161 -19.76 -4.00 17.86
C ASN B 161 -19.94 -4.59 19.27
N ARG B 162 -20.93 -4.09 20.00
CA ARG B 162 -21.25 -4.63 21.32
C ARG B 162 -21.62 -6.10 21.23
N ALA B 163 -22.42 -6.43 20.22
CA ALA B 163 -22.81 -7.81 19.95
C ALA B 163 -21.59 -8.69 19.66
N LYS B 164 -20.71 -8.20 18.78
CA LYS B 164 -19.43 -8.87 18.52
C LYS B 164 -18.69 -9.11 19.83
N ALA B 165 -18.63 -8.07 20.64
CA ALA B 165 -17.87 -8.14 21.90
C ALA B 165 -18.41 -9.26 22.79
N GLN B 166 -19.74 -9.37 22.87
CA GLN B 166 -20.36 -10.36 23.75
C GLN B 166 -20.14 -11.80 23.26
N LEU B 167 -20.16 -11.99 21.95
CA LEU B 167 -19.96 -13.31 21.37
C LEU B 167 -18.53 -13.78 21.59
N ALA B 168 -17.58 -12.86 21.45
CA ALA B 168 -16.17 -13.17 21.66
C ALA B 168 -15.87 -13.56 23.10
N LYS B 169 -16.50 -12.86 24.04
CA LYS B 169 -16.23 -13.11 25.45
C LYS B 169 -16.82 -14.45 25.86
N LYS B 170 -17.95 -14.82 25.26
CA LYS B 170 -18.63 -16.06 25.61
C LYS B 170 -17.93 -17.30 25.05
N THR B 171 -17.46 -17.20 23.81
CA THR B 171 -16.82 -18.30 23.12
C THR B 171 -15.33 -18.33 23.44
N GLY B 172 -14.83 -17.26 24.06
CA GLY B 172 -13.43 -17.20 24.43
C GLY B 172 -12.49 -17.07 23.24
N THR B 173 -12.99 -16.57 22.12
CA THR B 173 -12.15 -16.32 20.95
C THR B 173 -11.82 -14.81 20.83
N GLY B 174 -10.97 -14.45 19.88
CA GLY B 174 -10.70 -13.05 19.63
C GLY B 174 -11.79 -12.47 18.74
N VAL B 175 -12.11 -11.20 18.90
CA VAL B 175 -13.13 -10.54 18.07
C VAL B 175 -12.85 -10.65 16.57
N ASP B 176 -11.57 -10.72 16.21
CA ASP B 176 -11.16 -10.82 14.82
C ASP B 176 -11.56 -12.14 14.15
N ARG B 177 -12.14 -13.07 14.92
CA ARG B 177 -12.53 -14.35 14.34
C ARG B 177 -14.05 -14.49 14.32
N ILE B 178 -14.71 -13.37 14.60
CA ILE B 178 -16.15 -13.29 14.50
C ILE B 178 -16.50 -12.49 13.26
N ARG B 179 -17.33 -13.08 12.40
CA ARG B 179 -17.74 -12.36 11.21
C ARG B 179 -19.21 -12.54 10.98
N ARG B 180 -19.74 -11.73 10.07
CA ARG B 180 -21.14 -11.79 9.67
C ARG B 180 -22.10 -11.62 10.85
N MET B 181 -21.71 -10.75 11.78
CA MET B 181 -22.63 -10.29 12.80
C MET B 181 -23.61 -9.31 12.16
N THR B 182 -24.83 -9.27 12.67
CA THR B 182 -25.83 -8.34 12.16
C THR B 182 -26.74 -7.88 13.28
N VAL B 183 -27.00 -6.58 13.33
CA VAL B 183 -28.09 -6.07 14.14
C VAL B 183 -29.09 -5.43 13.19
N TRP B 184 -30.33 -5.95 13.21
CA TRP B 184 -31.41 -5.47 12.36
C TRP B 184 -32.23 -4.41 13.08
N GLY B 185 -32.71 -3.42 12.35
CA GLY B 185 -33.60 -2.44 12.95
C GLY B 185 -32.98 -1.07 13.20
N ASN B 186 -32.95 -0.68 14.48
CA ASN B 186 -32.39 0.59 14.85
C ASN B 186 -31.61 0.52 16.16
N HIS B 187 -31.13 1.66 16.62
CA HIS B 187 -30.49 1.74 17.92
C HIS B 187 -31.55 1.97 18.99
N SER B 188 -32.15 0.89 19.43
CA SER B 188 -33.24 0.95 20.41
C SER B 188 -33.25 -0.36 21.17
N SER B 189 -34.12 -0.46 22.19
CA SER B 189 -34.15 -1.67 23.01
C SER B 189 -34.74 -2.86 22.25
N THR B 190 -35.47 -2.60 21.17
CA THR B 190 -36.17 -3.65 20.44
C THR B 190 -35.40 -4.16 19.21
N MET B 191 -34.18 -3.64 19.03
CA MET B 191 -33.26 -4.11 17.99
C MET B 191 -33.05 -5.63 18.06
N PHE B 192 -32.70 -6.24 16.94
CA PHE B 192 -32.48 -7.67 16.89
C PHE B 192 -31.07 -8.11 16.44
N PRO B 193 -30.23 -8.53 17.39
CA PRO B 193 -28.89 -9.06 17.12
C PRO B 193 -28.99 -10.48 16.59
N ASP B 194 -28.41 -10.74 15.43
CA ASP B 194 -28.67 -11.98 14.69
C ASP B 194 -27.51 -12.97 14.77
N LEU B 195 -27.71 -14.07 15.51
CA LEU B 195 -26.68 -15.11 15.60
C LEU B 195 -26.87 -16.25 14.61
N PHE B 196 -27.98 -16.25 13.87
CA PHE B 196 -28.28 -17.30 12.90
C PHE B 196 -27.34 -17.27 11.71
N HIS B 197 -26.76 -16.11 11.43
CA HIS B 197 -25.90 -15.98 10.28
C HIS B 197 -24.47 -15.63 10.72
N ALA B 198 -24.31 -15.22 11.97
CA ALA B 198 -22.98 -14.95 12.53
C ALA B 198 -22.11 -16.21 12.58
N GLU B 199 -20.80 -15.99 12.50
CA GLU B 199 -19.83 -17.08 12.50
C GLU B 199 -18.69 -16.83 13.48
N VAL B 200 -18.25 -17.93 14.11
CA VAL B 200 -17.10 -17.91 15.00
C VAL B 200 -16.05 -18.89 14.46
N ASP B 201 -14.89 -18.38 14.08
CA ASP B 201 -13.86 -19.19 13.43
C ASP B 201 -14.37 -19.91 12.19
N GLY B 202 -15.22 -19.24 11.43
CA GLY B 202 -15.75 -19.80 10.20
C GLY B 202 -16.80 -20.86 10.40
N ARG B 203 -17.28 -21.00 11.64
CA ARG B 203 -18.34 -21.96 11.95
C ARG B 203 -19.58 -21.20 12.38
N PRO B 204 -20.77 -21.78 12.18
CA PRO B 204 -21.97 -21.09 12.65
C PRO B 204 -21.92 -20.80 14.16
N ALA B 205 -22.35 -19.62 14.57
CA ALA B 205 -22.29 -19.25 15.99
C ALA B 205 -23.06 -20.22 16.89
N LEU B 206 -24.16 -20.76 16.37
CA LEU B 206 -25.01 -21.63 17.17
C LEU B 206 -24.46 -23.05 17.25
N GLU B 207 -23.27 -23.28 16.71
CA GLU B 207 -22.55 -24.52 16.96
C GLU B 207 -21.64 -24.34 18.18
N LEU B 208 -21.47 -23.10 18.63
CA LEU B 208 -20.58 -22.80 19.76
C LEU B 208 -21.32 -22.20 20.96
N VAL B 209 -22.48 -21.61 20.72
CA VAL B 209 -23.32 -21.14 21.82
C VAL B 209 -24.70 -21.70 21.60
N ASP B 210 -25.47 -21.88 22.67
CA ASP B 210 -26.76 -22.52 22.47
C ASP B 210 -27.87 -21.46 22.43
N MET B 211 -29.04 -21.88 21.98
CA MET B 211 -30.16 -20.97 21.72
C MET B 211 -30.63 -20.30 23.01
N GLU B 212 -30.57 -21.05 24.11
CA GLU B 212 -31.04 -20.57 25.40
C GLU B 212 -30.25 -19.33 25.81
N TRP B 213 -28.94 -19.41 25.68
CA TRP B 213 -28.07 -18.32 26.07
C TRP B 213 -28.26 -17.14 25.13
N TYR B 214 -28.38 -17.43 23.85
CA TYR B 214 -28.71 -16.45 22.83
C TYR B 214 -29.93 -15.64 23.26
N GLU B 215 -30.96 -16.36 23.66
CA GLU B 215 -32.26 -15.78 23.97
C GLU B 215 -32.33 -15.05 25.32
N LYS B 216 -31.78 -15.66 26.36
CA LYS B 216 -32.03 -15.16 27.70
C LYS B 216 -30.84 -14.38 28.27
N VAL B 217 -29.70 -14.42 27.59
CA VAL B 217 -28.53 -13.69 28.08
C VAL B 217 -27.98 -12.69 27.05
N PHE B 218 -27.57 -13.20 25.89
CA PHE B 218 -26.96 -12.38 24.83
C PHE B 218 -27.82 -11.19 24.40
N ILE B 219 -29.03 -11.47 23.92
CA ILE B 219 -29.93 -10.41 23.45
C ILE B 219 -30.23 -9.37 24.55
N PRO B 220 -30.67 -9.81 25.75
CA PRO B 220 -30.86 -8.78 26.77
C PRO B 220 -29.58 -8.03 27.12
N THR B 221 -28.44 -8.70 27.08
CA THR B 221 -27.18 -8.08 27.51
C THR B 221 -26.75 -6.98 26.55
N VAL B 222 -26.92 -7.21 25.26
CA VAL B 222 -26.60 -6.22 24.24
C VAL B 222 -27.56 -5.03 24.34
N ALA B 223 -28.84 -5.31 24.60
CA ALA B 223 -29.85 -4.27 24.69
C ALA B 223 -29.70 -3.35 25.91
N GLN B 224 -29.22 -3.91 27.01
CA GLN B 224 -29.09 -3.16 28.26
C GLN B 224 -27.69 -2.57 28.46
N ARG B 225 -26.83 -2.73 27.46
CA ARG B 225 -25.41 -2.41 27.61
C ARG B 225 -25.15 -0.91 27.86
N GLY B 226 -25.78 -0.06 27.05
CA GLY B 226 -25.70 1.38 27.23
C GLY B 226 -26.09 1.84 28.63
N ALA B 227 -27.17 1.27 29.16
CA ALA B 227 -27.59 1.62 30.51
C ALA B 227 -26.53 1.23 31.53
N ALA B 228 -25.82 0.13 31.28
CA ALA B 228 -24.87 -0.38 32.25
C ALA B 228 -23.64 0.52 32.32
N ILE B 229 -23.24 1.02 31.16
CA ILE B 229 -22.10 1.93 31.09
C ILE B 229 -22.47 3.28 31.74
N ILE B 230 -23.65 3.80 31.42
CA ILE B 230 -24.15 5.01 32.10
C ILE B 230 -24.10 4.85 33.61
N GLN B 231 -24.58 3.70 34.10
CA GLN B 231 -24.60 3.41 35.52
C GLN B 231 -23.20 3.41 36.14
N ALA B 232 -22.21 2.97 35.36
CA ALA B 232 -20.85 2.84 35.89
C ALA B 232 -20.05 4.13 35.81
N ARG B 233 -20.20 4.86 34.71
CA ARG B 233 -19.43 6.09 34.50
C ARG B 233 -20.16 7.36 34.89
N GLY B 234 -21.49 7.30 34.95
CA GLY B 234 -22.28 8.50 35.15
C GLY B 234 -22.33 9.30 33.86
N ALA B 235 -22.09 8.64 32.74
CA ALA B 235 -22.12 9.26 31.43
C ALA B 235 -22.29 8.21 30.34
N SER B 236 -22.78 8.63 29.17
CA SER B 236 -23.01 7.73 28.05
C SER B 236 -21.69 7.26 27.39
N SER B 237 -21.82 6.41 26.37
CA SER B 237 -20.68 5.74 25.76
C SER B 237 -19.99 6.53 24.64
N ALA B 238 -19.50 7.72 24.97
CA ALA B 238 -18.98 8.62 23.94
C ALA B 238 -17.91 7.98 23.05
N ALA B 239 -16.87 7.44 23.67
CA ALA B 239 -15.73 6.93 22.93
C ALA B 239 -16.08 5.71 22.08
N SER B 240 -16.89 4.81 22.62
CA SER B 240 -17.25 3.62 21.84
C SER B 240 -18.27 4.00 20.76
N ALA B 241 -19.09 5.01 21.02
CA ALA B 241 -19.99 5.56 20.01
C ALA B 241 -19.21 6.19 18.87
N ALA B 242 -18.17 6.92 19.22
CA ALA B 242 -17.35 7.61 18.22
C ALA B 242 -16.58 6.60 17.39
N ASN B 243 -16.07 5.57 18.07
CA ASN B 243 -15.39 4.49 17.37
C ASN B 243 -16.29 3.80 16.35
N ALA B 244 -17.54 3.57 16.74
CA ALA B 244 -18.54 2.96 15.85
C ALA B 244 -18.82 3.85 14.64
N ALA B 245 -18.93 5.15 14.85
CA ALA B 245 -19.24 6.06 13.74
C ALA B 245 -18.08 6.07 12.75
N ILE B 246 -16.86 6.08 13.29
CA ILE B 246 -15.67 6.07 12.44
C ILE B 246 -15.60 4.81 11.58
N GLU B 247 -15.93 3.67 12.18
CA GLU B 247 -15.86 2.40 11.45
C GLU B 247 -17.00 2.27 10.42
N HIS B 248 -18.19 2.74 10.78
CA HIS B 248 -19.29 2.90 9.83
C HIS B 248 -18.80 3.59 8.56
N ILE B 249 -18.17 4.75 8.71
CA ILE B 249 -17.73 5.54 7.55
C ILE B 249 -16.56 4.87 6.88
N ARG B 250 -15.65 4.35 7.69
CA ARG B 250 -14.45 3.71 7.16
C ARG B 250 -14.81 2.52 6.29
N ASP B 251 -15.72 1.67 6.77
CA ASP B 251 -16.05 0.47 6.00
C ASP B 251 -16.84 0.88 4.76
N TRP B 252 -17.76 1.81 4.93
CA TRP B 252 -18.50 2.38 3.81
C TRP B 252 -17.54 2.88 2.73
N ALA B 253 -16.55 3.66 3.15
CA ALA B 253 -15.65 4.32 2.21
C ALA B 253 -14.55 3.42 1.66
N LEU B 254 -13.98 2.56 2.51
CA LEU B 254 -12.78 1.80 2.11
C LEU B 254 -13.09 0.33 1.77
N GLY B 255 -14.28 -0.13 2.13
CA GLY B 255 -14.71 -1.47 1.80
C GLY B 255 -14.85 -2.32 3.04
N THR B 256 -15.63 -3.39 2.92
CA THR B 256 -15.75 -4.37 3.98
C THR B 256 -14.81 -5.54 3.67
N PRO B 257 -14.37 -6.28 4.71
CA PRO B 257 -13.48 -7.43 4.46
C PRO B 257 -14.15 -8.51 3.61
N GLU B 258 -13.36 -9.22 2.81
CA GLU B 258 -13.91 -10.27 1.98
C GLU B 258 -14.51 -11.38 2.84
N GLY B 259 -15.69 -11.85 2.45
CA GLY B 259 -16.39 -12.87 3.20
C GLY B 259 -17.16 -12.34 4.39
N ASP B 260 -17.06 -11.04 4.66
CA ASP B 260 -17.65 -10.44 5.86
C ASP B 260 -18.72 -9.43 5.46
N TRP B 261 -19.46 -8.95 6.45
CA TRP B 261 -20.39 -7.84 6.23
C TRP B 261 -20.59 -7.07 7.54
N VAL B 262 -21.15 -5.86 7.47
CA VAL B 262 -21.42 -5.10 8.68
C VAL B 262 -22.88 -4.68 8.75
N SER B 263 -23.28 -4.09 9.88
CA SER B 263 -24.62 -3.53 10.00
C SER B 263 -24.66 -2.03 9.64
N MET B 264 -25.60 -1.67 8.77
CA MET B 264 -25.83 -0.25 8.43
C MET B 264 -27.32 0.04 8.28
N ALA B 265 -27.81 1.07 8.98
CA ALA B 265 -29.17 1.56 8.78
C ALA B 265 -29.20 2.42 7.54
N VAL B 266 -29.91 1.93 6.52
CA VAL B 266 -29.98 2.57 5.21
C VAL B 266 -31.45 2.50 4.75
N PRO B 267 -31.86 3.40 3.83
CA PRO B 267 -33.25 3.36 3.34
C PRO B 267 -33.63 2.00 2.77
N SER B 268 -34.72 1.44 3.28
CA SER B 268 -35.22 0.18 2.79
C SER B 268 -35.85 0.31 1.42
N GLN B 269 -35.55 -0.65 0.55
CA GLN B 269 -36.19 -0.73 -0.76
C GLN B 269 -37.30 -1.78 -0.76
N GLY B 270 -37.62 -2.29 0.42
CA GLY B 270 -38.74 -3.21 0.58
C GLY B 270 -38.38 -4.67 0.81
N GLU B 271 -37.09 -4.96 0.96
CA GLU B 271 -36.66 -6.36 1.11
C GLU B 271 -36.71 -6.85 2.56
N TYR B 272 -36.68 -8.17 2.71
CA TYR B 272 -36.61 -8.82 4.02
C TYR B 272 -37.78 -8.40 4.90
N GLY B 273 -38.93 -8.16 4.28
CA GLY B 273 -40.14 -7.77 5.00
C GLY B 273 -40.08 -6.37 5.60
N ILE B 274 -39.12 -5.56 5.15
CA ILE B 274 -38.98 -4.21 5.71
C ILE B 274 -39.70 -3.18 4.86
N PRO B 275 -40.65 -2.45 5.47
CA PRO B 275 -41.45 -1.42 4.81
C PRO B 275 -40.56 -0.43 4.08
N GLU B 276 -40.82 -0.23 2.80
CA GLU B 276 -39.98 0.64 1.97
C GLU B 276 -39.94 2.07 2.48
N GLY B 277 -38.78 2.72 2.33
CA GLY B 277 -38.69 4.14 2.58
C GLY B 277 -38.14 4.47 3.95
N ILE B 278 -38.32 3.57 4.90
CA ILE B 278 -37.79 3.79 6.24
C ILE B 278 -36.30 3.48 6.24
N VAL B 279 -35.58 4.05 7.19
CA VAL B 279 -34.16 3.79 7.31
C VAL B 279 -34.02 2.64 8.28
N TYR B 280 -33.38 1.56 7.84
CA TYR B 280 -33.40 0.31 8.62
C TYR B 280 -32.07 -0.40 8.58
N SER B 281 -31.69 -0.99 9.70
CA SER B 281 -30.39 -1.62 9.76
C SER B 281 -30.40 -2.99 9.10
N PHE B 282 -29.61 -3.09 8.03
CA PHE B 282 -29.47 -4.28 7.21
C PHE B 282 -28.04 -4.83 7.31
N PRO B 283 -27.83 -6.11 6.97
CA PRO B 283 -26.44 -6.52 6.74
C PRO B 283 -26.02 -6.02 5.38
N VAL B 284 -24.88 -5.34 5.32
CA VAL B 284 -24.39 -4.80 4.06
C VAL B 284 -22.91 -5.07 3.87
N THR B 285 -22.50 -5.17 2.61
CA THR B 285 -21.10 -5.12 2.24
C THR B 285 -20.87 -3.78 1.59
N ALA B 286 -19.61 -3.39 1.45
CA ALA B 286 -19.28 -2.16 0.73
C ALA B 286 -18.04 -2.38 -0.12
N LYS B 287 -18.05 -1.75 -1.29
CA LYS B 287 -16.89 -1.76 -2.17
C LYS B 287 -16.90 -0.49 -3.01
N ASP B 288 -15.73 0.12 -3.18
CA ASP B 288 -15.59 1.36 -3.96
C ASP B 288 -16.49 2.49 -3.48
N GLY B 289 -16.62 2.64 -2.16
CA GLY B 289 -17.47 3.68 -1.61
C GLY B 289 -18.98 3.49 -1.73
N ALA B 290 -19.42 2.32 -2.19
CA ALA B 290 -20.85 2.03 -2.25
C ALA B 290 -21.22 0.77 -1.47
N TYR B 291 -22.29 0.84 -0.67
CA TYR B 291 -22.74 -0.34 0.09
C TYR B 291 -23.81 -1.10 -0.69
N ARG B 292 -23.98 -2.36 -0.31
CA ARG B 292 -24.92 -3.28 -0.97
C ARG B 292 -25.54 -4.19 0.08
N VAL B 293 -26.86 -4.21 0.18
CA VAL B 293 -27.51 -5.09 1.14
C VAL B 293 -27.23 -6.54 0.76
N VAL B 294 -26.82 -7.33 1.75
CA VAL B 294 -26.63 -8.76 1.55
C VAL B 294 -27.98 -9.39 1.23
N GLU B 295 -28.11 -9.93 0.04
CA GLU B 295 -29.37 -10.53 -0.38
C GLU B 295 -29.32 -12.04 -0.30
N GLY B 296 -30.50 -12.65 -0.28
CA GLY B 296 -30.63 -14.10 -0.35
C GLY B 296 -30.47 -14.86 0.96
N LEU B 297 -30.47 -14.14 2.07
CA LEU B 297 -30.35 -14.78 3.38
C LEU B 297 -31.66 -15.43 3.76
N GLU B 298 -31.58 -16.58 4.40
CA GLU B 298 -32.79 -17.25 4.86
C GLU B 298 -33.16 -16.75 6.26
N ILE B 299 -34.36 -16.17 6.38
CA ILE B 299 -34.86 -15.66 7.65
C ILE B 299 -35.92 -16.59 8.24
N ASN B 300 -35.76 -16.96 9.52
CA ASN B 300 -36.73 -17.82 10.18
C ASN B 300 -37.77 -16.99 10.96
N GLU B 301 -38.84 -17.63 11.42
CA GLU B 301 -39.94 -16.88 12.01
C GLU B 301 -39.58 -16.23 13.35
N PHE B 302 -38.73 -16.89 14.12
CA PHE B 302 -38.17 -16.30 15.34
C PHE B 302 -37.57 -14.92 15.05
N ALA B 303 -36.75 -14.85 14.01
CA ALA B 303 -36.08 -13.61 13.62
C ALA B 303 -37.06 -12.61 13.00
N ARG B 304 -37.83 -13.04 11.99
CA ARG B 304 -38.77 -12.15 11.28
C ARG B 304 -39.68 -11.42 12.25
N LYS B 305 -40.23 -12.15 13.20
CA LYS B 305 -41.09 -11.57 14.22
C LYS B 305 -40.39 -10.43 14.95
N ARG B 306 -39.15 -10.64 15.34
CA ARG B 306 -38.40 -9.62 16.08
C ARG B 306 -37.97 -8.46 15.18
N MET B 307 -37.64 -8.74 13.92
CA MET B 307 -37.31 -7.69 12.98
C MET B 307 -38.51 -6.75 12.77
N GLU B 308 -39.70 -7.33 12.69
CA GLU B 308 -40.90 -6.57 12.36
C GLU B 308 -41.32 -5.61 13.46
N ILE B 309 -40.90 -5.88 14.69
CA ILE B 309 -41.21 -5.00 15.81
C ILE B 309 -40.64 -3.60 15.55
N THR B 310 -39.37 -3.53 15.17
CA THR B 310 -38.76 -2.24 14.89
C THR B 310 -39.11 -1.74 13.49
N ALA B 311 -39.37 -2.66 12.56
CA ALA B 311 -39.75 -2.27 11.22
C ALA B 311 -41.09 -1.52 11.27
N GLN B 312 -41.96 -1.95 12.17
CA GLN B 312 -43.29 -1.37 12.26
C GLN B 312 -43.30 -0.11 13.10
N GLU B 313 -42.45 -0.05 14.13
CA GLU B 313 -42.38 1.16 14.94
C GLU B 313 -41.70 2.28 14.15
N LEU B 314 -40.83 1.92 13.21
CA LEU B 314 -40.24 2.90 12.29
C LEU B 314 -41.22 3.36 11.23
N LEU B 315 -42.05 2.44 10.74
CA LEU B 315 -43.07 2.80 9.76
C LEU B 315 -44.05 3.77 10.38
N ASP B 316 -44.35 3.54 11.66
CA ASP B 316 -45.26 4.42 12.40
C ASP B 316 -44.68 5.83 12.52
N GLU B 317 -43.38 5.91 12.81
CA GLU B 317 -42.72 7.21 12.95
C GLU B 317 -42.59 7.92 11.61
N MET B 318 -42.35 7.16 10.54
CA MET B 318 -42.36 7.74 9.20
C MET B 318 -43.73 8.33 8.89
N GLU B 319 -44.79 7.65 9.32
CA GLU B 319 -46.15 8.16 9.12
C GLU B 319 -46.40 9.39 9.97
N GLN B 320 -45.98 9.33 11.23
CA GLN B 320 -46.06 10.46 12.16
C GLN B 320 -45.41 11.71 11.58
N VAL B 321 -44.22 11.55 11.02
CA VAL B 321 -43.47 12.67 10.43
C VAL B 321 -44.24 13.28 9.28
N LYS B 322 -44.88 12.42 8.49
CA LYS B 322 -45.58 12.88 7.31
C LYS B 322 -46.80 13.74 7.70
N ALA B 323 -47.47 13.35 8.77
CA ALA B 323 -48.66 14.06 9.25
C ALA B 323 -48.30 15.43 9.84
N LEU B 324 -47.05 15.61 10.22
CA LEU B 324 -46.58 16.88 10.74
C LEU B 324 -45.94 17.72 9.64
N GLY B 325 -45.93 17.19 8.43
CA GLY B 325 -45.31 17.85 7.28
C GLY B 325 -43.85 18.22 7.49
N LEU B 326 -43.04 17.26 7.94
CA LEU B 326 -41.63 17.50 8.29
C LEU B 326 -40.65 17.06 7.20
N MET C 1 6.93 -7.92 17.24
CA MET C 1 5.81 -7.16 16.70
C MET C 1 4.70 -8.07 16.22
N LYS C 2 4.51 -9.18 16.92
CA LYS C 2 3.27 -9.93 16.82
C LYS C 2 2.96 -10.28 18.26
N ALA C 3 4.02 -10.58 19.01
CA ALA C 3 3.89 -10.87 20.42
C ALA C 3 3.43 -9.62 21.16
N PRO C 4 2.32 -9.74 21.89
CA PRO C 4 1.73 -8.62 22.63
C PRO C 4 2.70 -8.02 23.63
N VAL C 5 2.67 -6.70 23.76
CA VAL C 5 3.37 -6.01 24.84
C VAL C 5 2.34 -5.56 25.85
N ARG C 6 2.78 -5.39 27.11
CA ARG C 6 1.88 -4.92 28.16
C ARG C 6 2.05 -3.43 28.41
N VAL C 7 0.94 -2.70 28.32
CA VAL C 7 0.92 -1.27 28.58
C VAL C 7 0.10 -0.95 29.84
N ALA C 8 0.76 -0.43 30.86
CA ALA C 8 0.08 -0.01 32.06
C ALA C 8 -0.28 1.46 31.97
N VAL C 9 -1.48 1.80 32.42
CA VAL C 9 -1.90 3.20 32.44
C VAL C 9 -2.59 3.52 33.77
N THR C 10 -2.15 4.58 34.44
CA THR C 10 -2.76 5.00 35.70
C THR C 10 -3.72 6.15 35.44
N GLY C 11 -4.59 6.41 36.41
CA GLY C 11 -5.63 7.43 36.26
C GLY C 11 -6.48 7.15 35.04
N ALA C 12 -6.76 5.87 34.83
CA ALA C 12 -7.31 5.37 33.57
C ALA C 12 -8.78 5.77 33.33
N ALA C 13 -9.53 6.00 34.39
CA ALA C 13 -10.92 6.42 34.22
C ALA C 13 -11.03 7.95 34.15
N GLY C 14 -9.87 8.63 34.17
CA GLY C 14 -9.83 10.08 34.15
C GLY C 14 -10.04 10.64 32.75
N GLN C 15 -10.00 11.96 32.62
CA GLN C 15 -10.29 12.58 31.35
C GLN C 15 -9.19 12.33 30.31
N ILE C 16 -7.92 12.36 30.73
CA ILE C 16 -6.84 12.04 29.80
C ILE C 16 -6.89 10.56 29.40
N GLY C 17 -7.09 9.70 30.39
CA GLY C 17 -7.23 8.26 30.15
C GLY C 17 -8.28 7.96 29.10
N TYR C 18 -9.44 8.60 29.26
CA TYR C 18 -10.57 8.42 28.35
C TYR C 18 -10.23 8.76 26.90
N SER C 19 -9.31 9.69 26.67
CA SER C 19 -8.90 10.02 25.32
C SER C 19 -7.70 9.19 24.89
N LEU C 20 -6.97 8.67 25.87
CA LEU C 20 -5.76 7.89 25.62
C LEU C 20 -6.00 6.42 25.21
N LEU C 21 -6.80 5.72 26.01
CA LEU C 21 -6.92 4.26 25.93
C LEU C 21 -7.38 3.72 24.58
N PHE C 22 -8.39 4.36 24.00
CA PHE C 22 -8.96 3.90 22.75
C PHE C 22 -7.99 4.02 21.59
N ARG C 23 -7.21 5.09 21.56
CA ARG C 23 -6.24 5.22 20.49
C ARG C 23 -5.07 4.25 20.62
N ILE C 24 -4.67 3.96 21.87
CA ILE C 24 -3.65 2.94 22.11
C ILE C 24 -4.13 1.57 21.61
N ALA C 25 -5.34 1.19 22.02
CA ALA C 25 -5.92 -0.11 21.62
C ALA C 25 -6.19 -0.20 20.12
N ALA C 26 -6.30 0.96 19.46
CA ALA C 26 -6.52 1.03 18.03
C ALA C 26 -5.21 0.81 17.28
N GLY C 27 -4.11 0.82 18.01
CA GLY C 27 -2.81 0.60 17.41
C GLY C 27 -2.05 1.87 17.07
N GLU C 28 -2.56 3.02 17.49
CA GLU C 28 -1.98 4.30 17.10
C GLU C 28 -0.66 4.60 17.83
N MET C 29 -0.42 3.94 18.95
CA MET C 29 0.78 4.25 19.73
C MET C 29 1.99 3.40 19.36
N LEU C 30 1.78 2.10 19.17
CA LEU C 30 2.91 1.21 18.95
C LEU C 30 2.91 0.57 17.58
N GLY C 31 1.93 0.93 16.76
CA GLY C 31 1.83 0.37 15.42
C GLY C 31 0.70 -0.63 15.25
N LYS C 32 0.18 -0.69 14.03
CA LYS C 32 -0.92 -1.59 13.67
C LYS C 32 -0.55 -3.08 13.73
N ASP C 33 0.74 -3.38 13.76
CA ASP C 33 1.15 -4.77 13.87
C ASP C 33 1.57 -5.14 15.29
N GLN C 34 1.25 -4.30 16.26
CA GLN C 34 1.66 -4.56 17.64
C GLN C 34 0.48 -4.71 18.60
N PRO C 35 0.10 -5.96 18.93
CA PRO C 35 -1.02 -6.16 19.85
C PRO C 35 -0.68 -5.66 21.24
N VAL C 36 -1.66 -5.17 21.98
CA VAL C 36 -1.38 -4.59 23.29
C VAL C 36 -2.28 -5.19 24.33
N ILE C 37 -1.73 -5.39 25.52
CA ILE C 37 -2.50 -5.76 26.69
C ILE C 37 -2.58 -4.53 27.59
N LEU C 38 -3.78 -4.02 27.81
CA LEU C 38 -3.92 -2.87 28.68
C LEU C 38 -4.10 -3.30 30.12
N GLN C 39 -3.32 -2.70 30.99
CA GLN C 39 -3.41 -2.96 32.43
C GLN C 39 -3.71 -1.62 33.10
N LEU C 40 -4.92 -1.48 33.60
CA LEU C 40 -5.42 -0.16 33.98
C LEU C 40 -5.49 0.00 35.49
N LEU C 41 -4.99 1.13 35.99
CA LEU C 41 -4.97 1.37 37.42
C LEU C 41 -5.80 2.59 37.79
N GLU C 42 -6.53 2.52 38.89
CA GLU C 42 -7.24 3.66 39.42
C GLU C 42 -7.16 3.63 40.93
N ILE C 43 -7.63 4.69 41.58
CA ILE C 43 -7.83 4.67 43.01
C ILE C 43 -9.15 3.92 43.26
N PRO C 44 -9.30 3.31 44.46
CA PRO C 44 -10.51 2.50 44.75
C PRO C 44 -11.80 3.23 44.43
N GLN C 45 -11.85 4.51 44.79
CA GLN C 45 -13.01 5.36 44.56
C GLN C 45 -13.43 5.43 43.08
N ALA C 46 -12.49 5.14 42.19
CA ALA C 46 -12.71 5.29 40.75
C ALA C 46 -12.88 3.97 40.01
N MET C 47 -12.79 2.85 40.75
CA MET C 47 -12.79 1.53 40.12
C MET C 47 -14.11 1.23 39.41
N LYS C 48 -15.21 1.70 39.97
CA LYS C 48 -16.51 1.50 39.35
C LYS C 48 -16.58 2.18 37.98
N ALA C 49 -16.20 3.45 37.91
CA ALA C 49 -16.16 4.14 36.62
C ALA C 49 -15.17 3.47 35.67
N LEU C 50 -14.07 2.97 36.21
CA LEU C 50 -13.08 2.28 35.40
C LEU C 50 -13.67 1.04 34.72
N GLU C 51 -14.55 0.31 35.43
CA GLU C 51 -15.21 -0.86 34.84
C GLU C 51 -16.12 -0.42 33.70
N GLY C 52 -16.66 0.79 33.82
CA GLY C 52 -17.47 1.38 32.77
C GLY C 52 -16.62 1.68 31.55
N VAL C 53 -15.34 2.01 31.78
CA VAL C 53 -14.43 2.32 30.67
C VAL C 53 -13.99 1.01 30.03
N VAL C 54 -13.79 -0.01 30.86
CA VAL C 54 -13.46 -1.35 30.38
C VAL C 54 -14.53 -1.86 29.41
N MET C 55 -15.79 -1.68 29.78
CA MET C 55 -16.91 -2.08 28.90
C MET C 55 -16.85 -1.37 27.55
N GLU C 56 -16.58 -0.06 27.58
CA GLU C 56 -16.49 0.71 26.33
C GLU C 56 -15.33 0.26 25.46
N LEU C 57 -14.23 -0.14 26.09
CA LEU C 57 -13.07 -0.63 25.36
C LEU C 57 -13.42 -1.94 24.68
N GLU C 58 -14.13 -2.79 25.43
CA GLU C 58 -14.59 -4.05 24.90
C GLU C 58 -15.55 -3.80 23.75
N ASP C 59 -16.38 -2.77 23.91
CA ASP C 59 -17.43 -2.48 22.94
C ASP C 59 -16.89 -1.88 21.63
N CYS C 60 -15.59 -1.67 21.56
CA CYS C 60 -14.98 -1.21 20.31
C CYS C 60 -14.51 -2.34 19.42
N ALA C 61 -14.47 -3.56 19.98
CA ALA C 61 -14.01 -4.75 19.26
C ALA C 61 -12.64 -4.52 18.60
N PHE C 62 -11.72 -3.93 19.35
CA PHE C 62 -10.37 -3.68 18.83
C PHE C 62 -9.62 -4.98 18.57
N PRO C 63 -9.19 -5.19 17.33
CA PRO C 63 -8.45 -6.40 16.96
C PRO C 63 -7.06 -6.53 17.61
N LEU C 64 -6.44 -5.42 18.02
CA LEU C 64 -5.11 -5.48 18.64
C LEU C 64 -5.14 -5.50 20.16
N LEU C 65 -6.32 -5.40 20.75
CA LEU C 65 -6.40 -5.44 22.20
C LEU C 65 -6.41 -6.90 22.67
N ALA C 66 -5.21 -7.41 22.98
CA ALA C 66 -5.02 -8.82 23.26
C ALA C 66 -5.28 -9.17 24.72
N GLY C 67 -5.51 -8.16 25.54
CA GLY C 67 -5.82 -8.39 26.94
C GLY C 67 -6.25 -7.09 27.60
N LEU C 68 -6.94 -7.21 28.72
CA LEU C 68 -7.50 -6.05 29.41
C LEU C 68 -7.80 -6.38 30.86
N GLU C 69 -7.18 -5.67 31.80
CA GLU C 69 -7.57 -5.82 33.19
C GLU C 69 -7.59 -4.47 33.91
N ALA C 70 -8.32 -4.41 35.02
CA ALA C 70 -8.48 -3.17 35.79
C ALA C 70 -8.27 -3.41 37.28
N THR C 71 -7.32 -2.70 37.87
CA THR C 71 -6.96 -2.88 39.28
C THR C 71 -6.84 -1.56 40.02
N ASP C 72 -6.92 -1.62 41.35
CA ASP C 72 -6.55 -0.49 42.18
C ASP C 72 -5.23 -0.81 42.90
N ASP C 73 -4.56 -1.87 42.46
CA ASP C 73 -3.27 -2.26 43.03
C ASP C 73 -2.14 -2.15 42.01
N PRO C 74 -1.16 -1.29 42.29
CA PRO C 74 -0.05 -1.00 41.37
C PRO C 74 0.78 -2.24 41.04
N LYS C 75 0.93 -3.14 42.00
CA LYS C 75 1.70 -4.36 41.78
C LYS C 75 1.03 -5.30 40.77
N VAL C 76 -0.28 -5.17 40.61
CA VAL C 76 -0.98 -5.91 39.56
C VAL C 76 -0.85 -5.17 38.23
N ALA C 77 -1.09 -3.87 38.25
CA ALA C 77 -1.11 -3.08 37.01
C ALA C 77 0.24 -3.05 36.33
N PHE C 78 1.31 -3.08 37.11
CA PHE C 78 2.65 -2.92 36.54
C PHE C 78 3.33 -4.26 36.23
N LYS C 79 2.68 -5.35 36.61
CA LYS C 79 3.24 -6.70 36.44
C LYS C 79 3.58 -7.01 34.98
N ASP C 80 4.87 -7.21 34.74
CA ASP C 80 5.42 -7.48 33.40
C ASP C 80 5.06 -6.42 32.34
N ALA C 81 4.90 -5.18 32.79
CA ALA C 81 4.68 -4.06 31.87
C ALA C 81 5.92 -3.72 31.05
N ASP C 82 5.73 -3.46 29.76
CA ASP C 82 6.80 -2.97 28.89
C ASP C 82 6.76 -1.45 28.79
N TYR C 83 5.59 -0.89 29.04
CA TYR C 83 5.32 0.54 28.98
C TYR C 83 4.45 0.93 30.16
N ALA C 84 4.78 2.05 30.79
CA ALA C 84 4.00 2.54 31.92
C ALA C 84 3.68 4.03 31.79
N LEU C 85 2.42 4.33 31.56
CA LEU C 85 2.00 5.71 31.43
C LEU C 85 1.41 6.16 32.76
N LEU C 86 2.13 7.01 33.47
CA LEU C 86 1.72 7.43 34.81
C LEU C 86 0.96 8.74 34.70
N VAL C 87 -0.34 8.62 34.43
CA VAL C 87 -1.19 9.77 34.18
C VAL C 87 -1.76 10.31 35.49
N GLY C 88 -2.14 9.41 36.38
CA GLY C 88 -2.77 9.80 37.64
C GLY C 88 -1.78 10.46 38.59
N ALA C 89 -2.18 11.59 39.16
CA ALA C 89 -1.35 12.29 40.13
C ALA C 89 -2.25 12.87 41.20
N ALA C 90 -1.68 13.68 42.09
CA ALA C 90 -2.46 14.31 43.14
C ALA C 90 -3.62 15.12 42.56
N PRO C 91 -4.83 14.85 43.04
CA PRO C 91 -6.01 15.61 42.61
C PRO C 91 -5.95 17.05 43.10
N ARG C 92 -6.20 18.00 42.21
CA ARG C 92 -6.23 19.41 42.57
C ARG C 92 -7.36 20.14 41.86
N LEU C 101 0.73 18.68 49.24
CA LEU C 101 0.71 18.85 47.78
C LEU C 101 1.83 18.03 47.13
N LEU C 102 3.08 18.35 47.46
CA LEU C 102 4.20 17.49 47.06
C LEU C 102 4.21 16.27 47.97
N GLN C 103 3.49 16.36 49.08
CA GLN C 103 3.36 15.24 49.99
C GLN C 103 2.54 14.11 49.37
N VAL C 104 1.35 14.46 48.89
CA VAL C 104 0.48 13.46 48.29
C VAL C 104 1.09 12.89 46.99
N ASN C 105 1.70 13.76 46.18
CA ASN C 105 2.39 13.29 44.98
C ASN C 105 3.60 12.42 45.30
N GLY C 106 4.30 12.76 46.38
CA GLY C 106 5.44 11.97 46.82
C GLY C 106 5.07 10.54 47.15
N LYS C 107 3.94 10.37 47.82
CA LYS C 107 3.48 9.04 48.21
C LYS C 107 3.07 8.23 46.98
N ILE C 108 2.44 8.89 46.02
CA ILE C 108 1.98 8.20 44.82
C ILE C 108 3.15 7.66 44.02
N PHE C 109 4.17 8.48 43.81
CA PHE C 109 5.24 8.15 42.88
C PHE C 109 6.41 7.44 43.56
N THR C 110 6.48 7.52 44.88
CA THR C 110 7.33 6.58 45.62
C THR C 110 6.75 5.18 45.43
N GLU C 111 5.48 5.04 45.81
CA GLU C 111 4.78 3.76 45.73
C GLU C 111 4.86 3.15 44.34
N GLN C 112 4.69 3.98 43.32
CA GLN C 112 4.64 3.48 41.95
C GLN C 112 6.04 3.23 41.39
N GLY C 113 6.99 4.01 41.86
CA GLY C 113 8.39 3.75 41.56
C GLY C 113 8.81 2.39 42.12
N ARG C 114 8.46 2.12 43.37
CA ARG C 114 8.82 0.83 43.98
C ARG C 114 8.11 -0.30 43.24
N ALA C 115 6.82 -0.12 42.94
CA ALA C 115 6.04 -1.18 42.33
C ALA C 115 6.60 -1.54 40.97
N LEU C 116 7.04 -0.52 40.24
CA LEU C 116 7.60 -0.73 38.91
C LEU C 116 8.90 -1.54 39.06
N ALA C 117 9.69 -1.24 40.09
CA ALA C 117 10.93 -1.97 40.33
C ALA C 117 10.65 -3.44 40.70
N GLU C 118 9.66 -3.66 41.56
CA GLU C 118 9.24 -5.00 41.97
C GLU C 118 8.73 -5.91 40.84
N VAL C 119 7.83 -5.41 40.00
CA VAL C 119 7.10 -6.33 39.11
C VAL C 119 7.13 -6.02 37.61
N ALA C 120 7.60 -4.83 37.21
CA ALA C 120 7.60 -4.51 35.79
C ALA C 120 8.77 -5.19 35.09
N LYS C 121 8.79 -5.16 33.76
CA LYS C 121 9.97 -5.63 33.03
C LYS C 121 11.12 -4.70 33.36
N LYS C 122 12.34 -5.24 33.42
CA LYS C 122 13.50 -4.46 33.81
C LYS C 122 13.71 -3.24 32.91
N ASP C 123 13.30 -3.35 31.65
CA ASP C 123 13.53 -2.25 30.72
C ASP C 123 12.21 -1.56 30.37
N VAL C 124 11.27 -1.60 31.30
CA VAL C 124 9.99 -0.90 31.14
C VAL C 124 10.21 0.59 30.82
N LYS C 125 9.41 1.12 29.89
CA LYS C 125 9.53 2.52 29.49
C LYS C 125 8.45 3.32 30.20
N VAL C 126 8.87 4.34 30.94
CA VAL C 126 7.99 5.07 31.84
C VAL C 126 7.79 6.51 31.35
N LEU C 127 6.52 6.89 31.23
CA LEU C 127 6.17 8.27 30.94
C LEU C 127 5.30 8.82 32.04
N VAL C 128 5.76 9.88 32.69
CA VAL C 128 4.92 10.59 33.64
C VAL C 128 4.18 11.72 32.92
N VAL C 129 2.88 11.82 33.17
CA VAL C 129 2.05 12.84 32.54
C VAL C 129 1.44 13.80 33.58
N GLY C 130 0.95 13.29 34.71
CA GLY C 130 0.28 14.14 35.69
C GLY C 130 1.26 15.11 36.31
N ASN C 131 0.83 16.32 36.67
CA ASN C 131 1.85 17.28 37.01
C ASN C 131 2.03 17.32 38.54
N PRO C 132 3.18 17.82 39.00
CA PRO C 132 4.31 18.36 38.21
C PRO C 132 5.17 17.27 37.58
N ALA C 133 5.08 17.11 36.27
CA ALA C 133 5.59 15.91 35.59
C ALA C 133 7.07 15.62 35.86
N ASN C 134 7.93 16.61 35.64
CA ASN C 134 9.38 16.43 35.81
C ASN C 134 9.77 16.03 37.23
N THR C 135 9.18 16.68 38.22
CA THR C 135 9.45 16.37 39.60
C THR C 135 8.86 15.01 39.99
N ASN C 136 7.71 14.65 39.41
CA ASN C 136 7.12 13.35 39.69
C ASN C 136 7.97 12.22 39.10
N ALA C 137 8.51 12.47 37.90
CA ALA C 137 9.37 11.49 37.26
C ALA C 137 10.64 11.29 38.08
N LEU C 138 11.09 12.36 38.74
CA LEU C 138 12.28 12.31 39.58
C LEU C 138 12.08 11.39 40.76
N ILE C 139 11.01 11.63 41.52
CA ILE C 139 10.66 10.81 42.67
C ILE C 139 10.53 9.34 42.27
N ALA C 140 9.87 9.11 41.13
CA ALA C 140 9.65 7.77 40.61
C ALA C 140 10.96 7.00 40.39
N TYR C 141 11.84 7.52 39.55
CA TYR C 141 13.04 6.74 39.23
C TYR C 141 13.96 6.63 40.44
N LYS C 142 13.90 7.63 41.33
CA LYS C 142 14.72 7.62 42.54
C LYS C 142 14.26 6.55 43.50
N ASN C 143 13.01 6.14 43.38
CA ASN C 143 12.50 5.10 44.23
C ASN C 143 12.32 3.82 43.46
N ALA C 144 13.07 3.68 42.37
CA ALA C 144 12.99 2.49 41.52
C ALA C 144 14.36 1.82 41.35
N PRO C 145 14.84 1.14 42.39
CA PRO C 145 16.14 0.48 42.42
C PRO C 145 16.19 -0.77 41.54
N GLY C 146 17.20 -0.86 40.67
CA GLY C 146 17.29 -1.96 39.74
C GLY C 146 16.89 -1.57 38.33
N LEU C 147 16.12 -0.49 38.21
CA LEU C 147 15.69 -0.01 36.90
C LEU C 147 16.57 1.13 36.44
N ASN C 148 16.85 1.18 35.14
CA ASN C 148 17.60 2.28 34.56
C ASN C 148 16.85 3.61 34.74
N PRO C 149 17.51 4.60 35.37
CA PRO C 149 16.94 5.96 35.49
C PRO C 149 16.56 6.54 34.14
N ARG C 150 17.29 6.19 33.08
CA ARG C 150 17.06 6.77 31.75
C ARG C 150 15.72 6.33 31.15
N ASN C 151 15.16 5.23 31.64
CA ASN C 151 13.87 4.79 31.14
C ASN C 151 12.70 5.53 31.77
N PHE C 152 13.00 6.51 32.61
CA PHE C 152 11.95 7.32 33.23
C PHE C 152 11.90 8.70 32.58
N THR C 153 10.76 9.05 31.99
CA THR C 153 10.62 10.33 31.30
C THR C 153 9.35 11.08 31.68
N ALA C 154 9.31 12.37 31.35
CA ALA C 154 8.16 13.21 31.63
C ALA C 154 7.79 13.92 30.35
N MET C 155 6.54 14.34 30.25
CA MET C 155 6.03 14.83 28.98
C MET C 155 6.16 16.35 28.81
N THR C 156 6.87 16.77 27.78
CA THR C 156 6.82 18.15 27.32
C THR C 156 6.36 18.16 25.88
N ARG C 157 5.86 17.01 25.41
CA ARG C 157 5.46 16.86 24.01
C ARG C 157 4.27 17.75 23.67
N LEU C 158 3.41 18.04 24.63
CA LEU C 158 2.27 18.89 24.35
C LEU C 158 2.74 20.32 24.08
N ASP C 159 3.65 20.82 24.92
CA ASP C 159 4.23 22.16 24.69
C ASP C 159 4.95 22.19 23.36
N HIS C 160 5.64 21.10 23.06
CA HIS C 160 6.29 20.90 21.76
C HIS C 160 5.29 21.00 20.58
N ASN C 161 4.18 20.29 20.68
CA ASN C 161 3.18 20.32 19.61
C ASN C 161 2.50 21.67 19.55
N ARG C 162 2.25 22.25 20.71
CA ARG C 162 1.68 23.58 20.78
C ARG C 162 2.56 24.58 20.04
N ALA C 163 3.86 24.45 20.23
CA ALA C 163 4.80 25.38 19.64
C ALA C 163 4.88 25.19 18.14
N LYS C 164 4.81 23.95 17.66
CA LYS C 164 4.80 23.69 16.21
C LYS C 164 3.60 24.34 15.56
N ALA C 165 2.45 24.20 16.23
CA ALA C 165 1.18 24.68 15.74
C ALA C 165 1.17 26.21 15.63
N GLN C 166 1.72 26.89 16.62
CA GLN C 166 1.80 28.36 16.55
C GLN C 166 2.71 28.81 15.42
N LEU C 167 3.79 28.07 15.20
CA LEU C 167 4.75 28.44 14.17
C LEU C 167 4.19 28.21 12.77
N ALA C 168 3.54 27.06 12.58
CA ALA C 168 2.89 26.75 11.32
C ALA C 168 1.88 27.83 10.96
N LYS C 169 1.08 28.22 11.95
CA LYS C 169 0.02 29.21 11.77
C LYS C 169 0.63 30.53 11.28
N LYS C 170 1.59 31.02 12.04
CA LYS C 170 2.27 32.28 11.74
C LYS C 170 2.90 32.30 10.35
N THR C 171 3.55 31.21 9.95
CA THR C 171 4.31 31.22 8.71
C THR C 171 3.56 30.72 7.47
N GLY C 172 2.32 30.26 7.65
CA GLY C 172 1.56 29.76 6.52
C GLY C 172 2.20 28.51 5.93
N THR C 173 2.69 27.66 6.81
CA THR C 173 3.34 26.41 6.42
C THR C 173 2.64 25.25 7.16
N GLY C 174 2.39 24.12 6.49
CA GLY C 174 1.80 22.95 7.17
C GLY C 174 2.70 22.39 8.28
N VAL C 175 2.11 21.89 9.37
CA VAL C 175 2.94 21.41 10.49
C VAL C 175 3.87 20.25 10.11
N ASP C 176 3.50 19.49 9.10
CA ASP C 176 4.35 18.40 8.65
C ASP C 176 5.70 18.91 8.13
N ARG C 177 5.82 20.22 7.98
CA ARG C 177 7.04 20.84 7.45
C ARG C 177 7.77 21.71 8.47
N ILE C 178 7.34 21.65 9.73
CA ILE C 178 8.06 22.30 10.81
C ILE C 178 8.90 21.21 11.45
N ARG C 179 10.21 21.40 11.49
CA ARG C 179 11.01 20.39 12.13
C ARG C 179 12.02 21.04 13.07
N ARG C 180 12.55 20.23 13.99
CA ARG C 180 13.56 20.65 14.95
C ARG C 180 13.05 21.72 15.90
N MET C 181 11.79 21.61 16.26
CA MET C 181 11.24 22.34 17.37
C MET C 181 11.85 21.80 18.67
N THR C 182 12.03 22.67 19.67
CA THR C 182 12.50 22.24 20.98
C THR C 182 11.82 23.01 22.09
N VAL C 183 11.38 22.30 23.12
CA VAL C 183 10.98 22.91 24.37
C VAL C 183 11.95 22.45 25.45
N TRP C 184 12.68 23.39 26.04
CA TRP C 184 13.69 23.09 27.07
C TRP C 184 13.10 23.24 28.46
N GLY C 185 13.56 22.44 29.41
CA GLY C 185 13.18 22.65 30.80
C GLY C 185 12.06 21.75 31.28
N ASN C 186 11.19 22.26 32.15
CA ASN C 186 10.04 21.44 32.53
C ASN C 186 8.75 21.99 31.98
N HIS C 187 7.67 21.27 32.29
CA HIS C 187 6.33 21.64 31.90
C HIS C 187 5.79 22.61 32.92
N SER C 188 5.96 23.91 32.65
CA SER C 188 5.61 24.97 33.59
C SER C 188 5.73 26.32 32.89
N SER C 189 5.48 27.40 33.61
CA SER C 189 5.50 28.72 32.99
C SER C 189 6.90 29.14 32.55
N THR C 190 7.94 28.55 33.15
CA THR C 190 9.31 28.90 32.77
C THR C 190 9.84 28.08 31.59
N MET C 191 8.99 27.26 31.00
CA MET C 191 9.38 26.48 29.84
C MET C 191 9.90 27.35 28.69
N PHE C 192 10.84 26.81 27.92
CA PHE C 192 11.46 27.61 26.87
C PHE C 192 11.34 26.99 25.49
N PRO C 193 10.47 27.57 24.65
CA PRO C 193 10.34 27.14 23.25
C PRO C 193 11.42 27.78 22.37
N ASP C 194 12.19 26.94 21.70
CA ASP C 194 13.42 27.35 21.01
C ASP C 194 13.23 27.41 19.50
N LEU C 195 13.36 28.61 18.93
CA LEU C 195 13.18 28.77 17.49
C LEU C 195 14.51 29.00 16.78
N PHE C 196 15.58 29.07 17.56
CA PHE C 196 16.91 29.29 17.00
C PHE C 196 17.38 28.09 16.20
N HIS C 197 16.76 26.95 16.46
CA HIS C 197 17.20 25.73 15.81
C HIS C 197 16.10 25.18 14.92
N ALA C 198 14.91 25.79 15.01
CA ALA C 198 13.72 25.25 14.36
C ALA C 198 13.72 25.60 12.88
N GLU C 199 13.08 24.76 12.08
CA GLU C 199 13.09 25.01 10.64
C GLU C 199 11.70 24.90 10.06
N VAL C 200 11.39 25.85 9.20
CA VAL C 200 10.10 25.90 8.53
C VAL C 200 10.32 25.59 7.05
N ASP C 201 9.97 24.37 6.64
CA ASP C 201 10.13 23.96 5.26
C ASP C 201 11.57 24.17 4.78
N GLY C 202 12.54 23.86 5.64
CA GLY C 202 13.93 23.95 5.26
C GLY C 202 14.63 25.26 5.61
N ARG C 203 13.86 26.29 5.93
CA ARG C 203 14.41 27.57 6.32
C ARG C 203 14.46 27.70 7.83
N PRO C 204 15.46 28.42 8.36
CA PRO C 204 15.49 28.69 9.81
C PRO C 204 14.25 29.50 10.18
N ALA C 205 13.59 29.19 11.30
CA ALA C 205 12.35 29.87 11.67
C ALA C 205 12.51 31.41 11.73
N LEU C 206 13.65 31.87 12.23
CA LEU C 206 13.87 33.28 12.46
C LEU C 206 14.26 34.01 11.18
N GLU C 207 14.29 33.28 10.08
CA GLU C 207 14.31 33.93 8.78
C GLU C 207 12.88 34.33 8.36
N LEU C 208 11.87 33.68 8.94
CA LEU C 208 10.49 33.94 8.53
C LEU C 208 9.69 34.73 9.58
N VAL C 209 10.20 34.79 10.80
CA VAL C 209 9.58 35.61 11.83
C VAL C 209 10.70 36.32 12.54
N ASP C 210 10.43 37.41 13.23
CA ASP C 210 11.56 38.05 13.90
C ASP C 210 11.42 38.07 15.43
N MET C 211 12.38 38.68 16.10
CA MET C 211 12.58 38.46 17.53
C MET C 211 11.45 39.00 18.38
N GLU C 212 10.92 40.18 18.02
CA GLU C 212 9.85 40.76 18.82
C GLU C 212 8.61 39.85 18.87
N TRP C 213 8.25 39.26 17.73
CA TRP C 213 7.11 38.34 17.70
C TRP C 213 7.44 37.08 18.52
N TYR C 214 8.67 36.61 18.38
CA TYR C 214 9.17 35.48 19.14
C TYR C 214 9.06 35.75 20.64
N GLU C 215 9.60 36.88 21.09
CA GLU C 215 9.64 37.17 22.51
C GLU C 215 8.28 37.53 23.10
N LYS C 216 7.46 38.26 22.34
CA LYS C 216 6.27 38.85 22.95
C LYS C 216 4.95 38.17 22.58
N VAL C 217 4.89 37.50 21.43
CA VAL C 217 3.67 36.76 21.06
C VAL C 217 3.85 35.25 21.24
N PHE C 218 4.83 34.68 20.55
CA PHE C 218 5.02 33.23 20.51
C PHE C 218 5.25 32.58 21.87
N ILE C 219 6.29 32.98 22.59
CA ILE C 219 6.59 32.37 23.88
C ILE C 219 5.42 32.47 24.89
N PRO C 220 4.84 33.67 25.10
CA PRO C 220 3.69 33.71 26.00
C PRO C 220 2.47 32.91 25.52
N THR C 221 2.20 32.91 24.22
CA THR C 221 1.03 32.19 23.67
C THR C 221 1.12 30.68 23.93
N VAL C 222 2.31 30.11 23.70
CA VAL C 222 2.56 28.71 23.95
C VAL C 222 2.43 28.39 25.44
N ALA C 223 3.03 29.22 26.28
CA ALA C 223 3.07 28.98 27.72
C ALA C 223 1.70 29.13 28.38
N GLN C 224 0.80 29.85 27.72
CA GLN C 224 -0.48 30.20 28.33
C GLN C 224 -1.64 29.46 27.68
N ARG C 225 -1.33 28.51 26.81
CA ARG C 225 -2.41 27.94 26.01
C ARG C 225 -3.31 27.00 26.78
N GLY C 226 -2.75 26.35 27.79
CA GLY C 226 -3.52 25.48 28.67
C GLY C 226 -4.64 26.28 29.31
N ALA C 227 -4.28 27.46 29.80
CA ALA C 227 -5.26 28.34 30.43
C ALA C 227 -6.31 28.79 29.44
N ALA C 228 -5.88 29.15 28.23
CA ALA C 228 -6.83 29.55 27.18
C ALA C 228 -7.88 28.47 26.92
N ILE C 229 -7.43 27.22 26.90
CA ILE C 229 -8.29 26.11 26.54
C ILE C 229 -9.30 25.85 27.66
N ILE C 230 -8.82 25.92 28.89
CA ILE C 230 -9.70 25.88 30.06
C ILE C 230 -10.76 26.97 29.97
N GLN C 231 -10.32 28.17 29.62
CA GLN C 231 -11.22 29.31 29.45
C GLN C 231 -12.34 29.01 28.44
N ALA C 232 -11.97 28.46 27.29
CA ALA C 232 -12.92 28.18 26.23
C ALA C 232 -13.85 26.99 26.53
N ARG C 233 -13.28 25.89 27.01
CA ARG C 233 -14.03 24.64 27.16
C ARG C 233 -14.59 24.42 28.55
N GLY C 234 -13.99 25.05 29.56
CA GLY C 234 -14.38 24.78 30.94
C GLY C 234 -13.83 23.44 31.42
N ALA C 235 -12.92 22.88 30.64
CA ALA C 235 -12.20 21.65 31.00
C ALA C 235 -10.78 21.71 30.45
N SER C 236 -9.88 20.93 31.05
CA SER C 236 -8.49 20.89 30.60
C SER C 236 -8.35 20.25 29.22
N SER C 237 -7.12 20.23 28.70
CA SER C 237 -6.89 19.77 27.34
C SER C 237 -6.54 18.28 27.25
N ALA C 238 -7.48 17.43 27.65
CA ALA C 238 -7.28 15.98 27.70
C ALA C 238 -6.89 15.35 26.37
N ALA C 239 -7.59 15.70 25.30
CA ALA C 239 -7.36 15.03 24.03
C ALA C 239 -5.97 15.33 23.46
N SER C 240 -5.60 16.61 23.45
CA SER C 240 -4.30 17.00 22.89
C SER C 240 -3.16 16.53 23.81
N ALA C 241 -3.42 16.43 25.11
CA ALA C 241 -2.47 15.84 26.06
C ALA C 241 -2.28 14.35 25.81
N ALA C 242 -3.37 13.63 25.59
CA ALA C 242 -3.30 12.20 25.30
C ALA C 242 -2.55 11.97 23.99
N ASN C 243 -2.90 12.75 22.97
CA ASN C 243 -2.20 12.70 21.70
C ASN C 243 -0.71 12.91 21.90
N ALA C 244 -0.36 13.89 22.72
CA ALA C 244 1.04 14.16 23.03
C ALA C 244 1.70 12.94 23.70
N ALA C 245 1.01 12.33 24.64
CA ALA C 245 1.56 11.17 25.34
C ALA C 245 1.76 10.02 24.35
N ILE C 246 0.78 9.82 23.48
CA ILE C 246 0.88 8.80 22.45
C ILE C 246 2.11 9.01 21.57
N GLU C 247 2.26 10.22 21.02
CA GLU C 247 3.41 10.55 20.17
C GLU C 247 4.73 10.45 20.93
N HIS C 248 4.71 10.78 22.22
CA HIS C 248 5.91 10.69 23.04
C HIS C 248 6.42 9.25 23.04
N ILE C 249 5.55 8.31 23.42
CA ILE C 249 5.88 6.88 23.42
C ILE C 249 6.22 6.38 22.02
N ARG C 250 5.39 6.75 21.05
CA ARG C 250 5.55 6.26 19.69
C ARG C 250 6.93 6.56 19.12
N ASP C 251 7.37 7.82 19.23
CA ASP C 251 8.69 8.21 18.70
C ASP C 251 9.85 7.57 19.50
N TRP C 252 9.66 7.44 20.81
CA TRP C 252 10.62 6.74 21.65
C TRP C 252 10.82 5.28 21.16
N ALA C 253 9.69 4.60 20.95
CA ALA C 253 9.64 3.18 20.59
C ALA C 253 9.96 2.93 19.13
N LEU C 254 9.32 3.70 18.25
CA LEU C 254 9.43 3.46 16.81
C LEU C 254 10.44 4.35 16.11
N GLY C 255 10.90 5.41 16.75
CA GLY C 255 11.90 6.27 16.15
C GLY C 255 11.45 7.63 15.64
N THR C 256 12.37 8.59 15.72
CA THR C 256 12.16 9.93 15.19
C THR C 256 12.57 9.94 13.72
N PRO C 257 11.95 10.79 12.92
CA PRO C 257 12.30 10.81 11.49
C PRO C 257 13.68 11.42 11.25
N GLU C 258 14.35 11.00 10.18
CA GLU C 258 15.69 11.49 9.86
C GLU C 258 15.70 13.00 9.65
N GLY C 259 16.65 13.68 10.26
CA GLY C 259 16.77 15.12 10.15
C GLY C 259 16.02 15.85 11.24
N ASP C 260 15.06 15.18 11.86
CA ASP C 260 14.21 15.81 12.86
C ASP C 260 14.64 15.41 14.28
N TRP C 261 14.01 16.04 15.26
CA TRP C 261 14.10 15.59 16.65
C TRP C 261 12.84 16.02 17.36
N VAL C 262 12.67 15.56 18.59
CA VAL C 262 11.52 15.93 19.40
C VAL C 262 11.99 16.35 20.79
N SER C 263 11.06 16.78 21.63
CA SER C 263 11.40 17.13 23.01
C SER C 263 10.91 16.05 23.95
N MET C 264 11.76 15.69 24.91
CA MET C 264 11.43 14.72 25.94
C MET C 264 12.10 15.20 27.21
N ALA C 265 11.40 15.12 28.33
CA ALA C 265 12.05 15.44 29.60
C ALA C 265 12.63 14.15 30.17
N VAL C 266 13.96 14.15 30.37
CA VAL C 266 14.71 12.96 30.75
C VAL C 266 15.67 13.32 31.88
N PRO C 267 16.14 12.33 32.64
CA PRO C 267 17.15 12.67 33.65
C PRO C 267 18.44 13.23 33.01
N SER C 268 18.88 14.38 33.52
CA SER C 268 20.03 15.07 32.94
C SER C 268 21.37 14.40 33.28
N GLN C 269 22.22 14.27 32.26
CA GLN C 269 23.57 13.76 32.42
C GLN C 269 24.56 14.92 32.38
N GLY C 270 24.04 16.14 32.46
CA GLY C 270 24.89 17.31 32.46
C GLY C 270 25.02 17.98 31.11
N GLU C 271 24.37 17.44 30.10
CA GLU C 271 24.50 18.00 28.75
C GLU C 271 23.97 19.46 28.72
N TYR C 272 24.58 20.27 27.87
CA TYR C 272 24.29 21.69 27.81
C TYR C 272 24.45 22.39 29.16
N GLY C 273 25.26 21.79 30.04
CA GLY C 273 25.55 22.35 31.35
C GLY C 273 24.34 22.37 32.27
N ILE C 274 23.32 21.57 31.94
CA ILE C 274 22.15 21.39 32.81
C ILE C 274 22.54 20.50 33.98
N PRO C 275 22.20 20.91 35.21
CA PRO C 275 22.62 20.12 36.39
C PRO C 275 22.16 18.65 36.36
N GLU C 276 23.06 17.77 36.78
CA GLU C 276 22.84 16.34 36.76
C GLU C 276 21.64 15.93 37.60
N GLY C 277 20.99 14.83 37.23
CA GLY C 277 19.91 14.29 38.04
C GLY C 277 18.49 14.73 37.71
N ILE C 278 18.24 16.04 37.63
CA ILE C 278 16.88 16.55 37.48
C ILE C 278 16.30 16.10 36.15
N VAL C 279 14.98 16.01 36.09
CA VAL C 279 14.31 15.66 34.84
C VAL C 279 14.07 16.93 34.06
N TYR C 280 14.57 16.97 32.83
CA TYR C 280 14.66 18.23 32.10
C TYR C 280 14.44 17.98 30.62
N SER C 281 13.69 18.87 29.97
CA SER C 281 13.40 18.64 28.57
C SER C 281 14.56 19.04 27.66
N PHE C 282 14.95 18.10 26.80
CA PHE C 282 16.05 18.29 25.86
C PHE C 282 15.53 17.99 24.47
N PRO C 283 16.22 18.47 23.43
CA PRO C 283 15.92 17.95 22.09
C PRO C 283 16.56 16.57 21.93
N VAL C 284 15.77 15.54 21.60
CA VAL C 284 16.29 14.18 21.50
C VAL C 284 15.94 13.49 20.18
N THR C 285 16.80 12.58 19.74
CA THR C 285 16.40 11.67 18.70
C THR C 285 16.16 10.33 19.38
N ALA C 286 15.39 9.45 18.76
CA ALA C 286 15.18 8.14 19.35
C ALA C 286 15.30 7.04 18.29
N LYS C 287 15.68 5.84 18.72
CA LYS C 287 15.88 4.73 17.79
C LYS C 287 15.98 3.46 18.63
N ASP C 288 15.18 2.46 18.27
CA ASP C 288 15.06 1.20 19.01
C ASP C 288 14.65 1.33 20.47
N GLY C 289 13.72 2.22 20.77
CA GLY C 289 13.33 2.42 22.15
C GLY C 289 14.44 3.04 22.97
N ALA C 290 15.43 3.62 22.31
CA ALA C 290 16.48 4.37 22.99
C ALA C 290 16.50 5.81 22.47
N TYR C 291 16.66 6.78 23.36
CA TYR C 291 16.82 8.17 22.95
C TYR C 291 18.25 8.66 23.16
N ARG C 292 18.65 9.66 22.39
CA ARG C 292 19.92 10.37 22.60
C ARG C 292 19.69 11.88 22.54
N VAL C 293 20.25 12.58 23.50
CA VAL C 293 20.16 14.02 23.51
C VAL C 293 20.91 14.53 22.30
N VAL C 294 20.27 15.40 21.53
CA VAL C 294 20.91 15.98 20.35
C VAL C 294 22.11 16.83 20.77
N GLU C 295 23.28 16.53 20.22
CA GLU C 295 24.48 17.30 20.57
C GLU C 295 24.87 18.26 19.47
N GLY C 296 25.84 19.12 19.76
CA GLY C 296 26.42 19.99 18.75
C GLY C 296 25.69 21.30 18.50
N LEU C 297 24.68 21.59 19.31
CA LEU C 297 23.96 22.85 19.18
C LEU C 297 24.69 24.01 19.87
N GLU C 298 24.62 25.17 19.23
CA GLU C 298 25.13 26.41 19.80
C GLU C 298 24.00 27.07 20.59
N ILE C 299 24.29 27.47 21.82
CA ILE C 299 23.31 28.10 22.71
C ILE C 299 23.64 29.57 22.93
N ASN C 300 22.90 30.49 22.31
CA ASN C 300 23.20 31.93 22.49
C ASN C 300 22.73 32.43 23.86
N GLU C 301 22.93 33.72 24.14
CA GLU C 301 22.71 34.25 25.48
C GLU C 301 21.24 34.27 25.87
N PHE C 302 20.39 34.62 24.90
CA PHE C 302 18.95 34.67 25.09
C PHE C 302 18.41 33.29 25.52
N ALA C 303 18.84 32.26 24.80
CA ALA C 303 18.41 30.90 25.10
C ALA C 303 18.98 30.43 26.43
N ARG C 304 20.26 30.73 26.64
CA ARG C 304 20.97 30.31 27.84
C ARG C 304 20.27 30.80 29.09
N LYS C 305 19.87 32.06 29.07
CA LYS C 305 19.24 32.69 30.23
C LYS C 305 17.95 31.99 30.62
N ARG C 306 17.14 31.67 29.62
CA ARG C 306 15.86 31.01 29.83
C ARG C 306 16.02 29.53 30.17
N MET C 307 17.04 28.88 29.62
CA MET C 307 17.32 27.49 29.95
C MET C 307 17.73 27.33 31.41
N GLU C 308 18.43 28.34 31.92
CA GLU C 308 18.93 28.35 33.29
C GLU C 308 17.84 28.66 34.30
N ILE C 309 16.92 29.54 33.91
CA ILE C 309 15.81 29.93 34.76
C ILE C 309 14.96 28.70 35.05
N THR C 310 14.61 27.97 33.99
CA THR C 310 13.78 26.78 34.15
C THR C 310 14.55 25.64 34.85
N ALA C 311 15.85 25.51 34.58
CA ALA C 311 16.68 24.53 35.31
C ALA C 311 16.74 24.87 36.79
N GLN C 312 16.73 26.17 37.08
CA GLN C 312 16.80 26.65 38.46
C GLN C 312 15.51 26.32 39.21
N GLU C 313 14.38 26.42 38.51
CA GLU C 313 13.10 26.04 39.09
C GLU C 313 13.09 24.57 39.50
N LEU C 314 13.56 23.70 38.62
CA LEU C 314 13.57 22.27 38.87
C LEU C 314 14.52 21.90 40.01
N LEU C 315 15.59 22.67 40.16
CA LEU C 315 16.54 22.45 41.25
C LEU C 315 15.89 22.77 42.57
N ASP C 316 15.12 23.86 42.59
CA ASP C 316 14.39 24.28 43.76
C ASP C 316 13.41 23.18 44.19
N GLU C 317 12.66 22.65 43.22
CA GLU C 317 11.68 21.59 43.48
C GLU C 317 12.36 20.30 43.89
N MET C 318 13.50 20.00 43.27
CA MET C 318 14.26 18.81 43.64
C MET C 318 14.75 18.89 45.08
N GLU C 319 15.22 20.07 45.50
CA GLU C 319 15.68 20.26 46.86
C GLU C 319 14.52 20.24 47.86
N GLN C 320 13.37 20.74 47.43
CA GLN C 320 12.18 20.72 48.26
C GLN C 320 11.75 19.27 48.51
N VAL C 321 11.87 18.44 47.48
CA VAL C 321 11.47 17.03 47.58
C VAL C 321 12.46 16.27 48.45
N LYS C 322 13.76 16.60 48.31
CA LYS C 322 14.78 15.95 49.11
C LYS C 322 14.61 16.31 50.58
N ALA C 323 14.12 17.51 50.84
CA ALA C 323 13.93 17.98 52.22
C ALA C 323 12.74 17.31 52.89
N LEU C 324 11.93 16.59 52.12
CA LEU C 324 10.80 15.86 52.68
C LEU C 324 11.02 14.35 52.69
N GLY C 325 12.25 13.93 52.36
CA GLY C 325 12.58 12.51 52.40
C GLY C 325 12.57 11.81 51.05
N LEU C 326 12.34 12.60 49.99
CA LEU C 326 12.41 12.14 48.60
C LEU C 326 11.48 10.97 48.33
N MET D 1 20.43 -27.49 -26.77
CA MET D 1 21.13 -28.77 -26.68
C MET D 1 21.79 -28.91 -25.33
N LYS D 2 22.22 -27.78 -24.77
CA LYS D 2 23.02 -27.75 -23.57
C LYS D 2 22.28 -28.28 -22.35
N ALA D 3 23.05 -28.78 -21.39
CA ALA D 3 22.49 -29.18 -20.11
C ALA D 3 21.98 -27.95 -19.38
N PRO D 4 20.91 -28.12 -18.61
CA PRO D 4 20.31 -26.98 -17.91
C PRO D 4 21.29 -26.28 -16.96
N VAL D 5 21.14 -24.97 -16.79
CA VAL D 5 21.84 -24.27 -15.73
C VAL D 5 20.81 -23.79 -14.72
N ARG D 6 21.26 -23.59 -13.49
CA ARG D 6 20.40 -23.19 -12.39
C ARG D 6 20.57 -21.71 -12.13
N VAL D 7 19.45 -20.99 -12.06
CA VAL D 7 19.48 -19.56 -11.90
C VAL D 7 18.71 -19.23 -10.64
N ALA D 8 19.41 -18.73 -9.64
CA ALA D 8 18.74 -18.27 -8.43
C ALA D 8 18.34 -16.81 -8.57
N VAL D 9 17.17 -16.47 -8.07
CA VAL D 9 16.68 -15.10 -8.13
C VAL D 9 15.95 -14.75 -6.84
N THR D 10 16.41 -13.73 -6.13
CA THR D 10 15.77 -13.28 -4.90
C THR D 10 14.80 -12.14 -5.16
N GLY D 11 14.01 -11.77 -4.16
CA GLY D 11 12.97 -10.75 -4.32
C GLY D 11 12.04 -11.05 -5.49
N ALA D 12 11.86 -12.34 -5.76
CA ALA D 12 11.30 -12.84 -7.01
C ALA D 12 9.81 -12.51 -7.21
N ALA D 13 9.13 -12.10 -6.15
CA ALA D 13 7.73 -11.71 -6.30
C ALA D 13 7.55 -10.19 -6.38
N GLY D 14 8.64 -9.45 -6.47
CA GLY D 14 8.58 -8.00 -6.55
C GLY D 14 8.54 -7.49 -7.99
N GLN D 15 8.52 -6.17 -8.15
CA GLN D 15 8.32 -5.61 -9.49
C GLN D 15 9.47 -5.94 -10.46
N ILE D 16 10.72 -5.84 -10.00
CA ILE D 16 11.84 -6.20 -10.85
C ILE D 16 11.79 -7.68 -11.23
N GLY D 17 11.54 -8.54 -10.25
CA GLY D 17 11.41 -9.97 -10.51
C GLY D 17 10.30 -10.33 -11.48
N TYR D 18 9.16 -9.67 -11.33
CA TYR D 18 8.04 -9.87 -12.26
C TYR D 18 8.40 -9.49 -13.70
N SER D 19 9.28 -8.51 -13.90
CA SER D 19 9.69 -8.15 -15.24
C SER D 19 10.85 -9.03 -15.70
N LEU D 20 11.61 -9.55 -14.73
CA LEU D 20 12.82 -10.31 -15.02
C LEU D 20 12.61 -11.79 -15.40
N LEU D 21 11.79 -12.51 -14.62
CA LEU D 21 11.71 -13.98 -14.71
C LEU D 21 11.21 -14.54 -16.03
N PHE D 22 10.21 -13.87 -16.61
CA PHE D 22 9.59 -14.34 -17.84
C PHE D 22 10.57 -14.27 -19.01
N ARG D 23 11.41 -13.23 -19.04
CA ARG D 23 12.38 -13.11 -20.13
C ARG D 23 13.56 -14.08 -19.95
N ILE D 24 13.93 -14.36 -18.71
CA ILE D 24 14.94 -15.41 -18.45
C ILE D 24 14.45 -16.77 -18.92
N ALA D 25 13.24 -17.15 -18.53
CA ALA D 25 12.63 -18.42 -18.96
C ALA D 25 12.42 -18.49 -20.49
N ALA D 26 12.30 -17.34 -21.13
CA ALA D 26 12.16 -17.28 -22.58
C ALA D 26 13.49 -17.51 -23.28
N GLY D 27 14.58 -17.47 -22.53
CA GLY D 27 15.90 -17.69 -23.09
C GLY D 27 16.60 -16.40 -23.51
N GLU D 28 16.10 -15.26 -23.07
CA GLU D 28 16.66 -13.97 -23.49
C GLU D 28 17.99 -13.66 -22.77
N MET D 29 18.29 -14.40 -21.70
CA MET D 29 19.45 -14.07 -20.89
C MET D 29 20.66 -14.92 -21.25
N LEU D 30 20.45 -16.21 -21.51
CA LEU D 30 21.58 -17.09 -21.75
C LEU D 30 21.56 -17.74 -23.12
N GLY D 31 20.57 -17.39 -23.93
CA GLY D 31 20.46 -17.96 -25.26
C GLY D 31 19.35 -18.98 -25.44
N LYS D 32 18.90 -19.12 -26.69
CA LYS D 32 17.80 -20.05 -27.01
C LYS D 32 18.19 -21.51 -26.84
N ASP D 33 19.49 -21.80 -26.77
CA ASP D 33 19.91 -23.20 -26.71
C ASP D 33 20.27 -23.61 -25.29
N GLN D 34 19.87 -22.78 -24.32
CA GLN D 34 20.26 -22.97 -22.92
C GLN D 34 19.07 -23.05 -21.98
N PRO D 35 18.65 -24.29 -21.65
CA PRO D 35 17.54 -24.48 -20.70
C PRO D 35 17.93 -23.92 -19.34
N VAL D 36 16.96 -23.35 -18.62
CA VAL D 36 17.25 -22.84 -17.30
C VAL D 36 16.31 -23.45 -16.28
N ILE D 37 16.84 -23.67 -15.09
CA ILE D 37 16.05 -24.08 -13.94
C ILE D 37 15.97 -22.86 -13.03
N LEU D 38 14.77 -22.41 -12.73
CA LEU D 38 14.66 -21.21 -11.90
C LEU D 38 14.49 -21.61 -10.45
N GLN D 39 15.25 -20.98 -9.58
CA GLN D 39 15.21 -21.24 -8.16
C GLN D 39 14.93 -19.91 -7.48
N LEU D 40 13.70 -19.72 -7.03
CA LEU D 40 13.25 -18.41 -6.63
C LEU D 40 13.15 -18.28 -5.13
N LEU D 41 13.57 -17.12 -4.62
CA LEU D 41 13.59 -16.91 -3.18
C LEU D 41 12.77 -15.68 -2.81
N GLU D 42 11.99 -15.80 -1.73
CA GLU D 42 11.29 -14.67 -1.17
C GLU D 42 11.34 -14.70 0.34
N ILE D 43 10.91 -13.61 0.98
CA ILE D 43 10.72 -13.58 2.40
C ILE D 43 9.41 -14.33 2.65
N PRO D 44 9.25 -14.94 3.85
CA PRO D 44 8.07 -15.78 4.12
C PRO D 44 6.76 -15.05 3.81
N GLN D 45 6.72 -13.76 4.10
CA GLN D 45 5.54 -12.92 3.90
C GLN D 45 5.10 -12.85 2.43
N ALA D 46 6.02 -13.11 1.51
CA ALA D 46 5.76 -12.93 0.08
C ALA D 46 5.68 -14.26 -0.67
N MET D 47 5.70 -15.35 0.07
CA MET D 47 5.70 -16.68 -0.52
C MET D 47 4.37 -17.01 -1.20
N LYS D 48 3.26 -16.57 -0.59
CA LYS D 48 1.95 -16.70 -1.22
C LYS D 48 1.93 -16.03 -2.61
N ALA D 49 2.39 -14.79 -2.67
CA ALA D 49 2.44 -14.07 -3.95
C ALA D 49 3.42 -14.74 -4.90
N LEU D 50 4.52 -15.25 -4.36
CA LEU D 50 5.53 -15.91 -5.19
C LEU D 50 4.97 -17.17 -5.85
N GLU D 51 4.06 -17.87 -5.18
CA GLU D 51 3.43 -19.06 -5.76
C GLU D 51 2.50 -18.68 -6.92
N GLY D 52 1.99 -17.45 -6.87
CA GLY D 52 1.19 -16.92 -7.95
C GLY D 52 2.05 -16.64 -9.16
N VAL D 53 3.26 -16.13 -8.92
CA VAL D 53 4.20 -15.90 -10.01
C VAL D 53 4.59 -17.23 -10.66
N VAL D 54 4.83 -18.25 -9.82
CA VAL D 54 5.13 -19.60 -10.30
C VAL D 54 4.03 -20.12 -11.25
N MET D 55 2.78 -19.94 -10.85
CA MET D 55 1.66 -20.37 -11.70
C MET D 55 1.72 -19.66 -13.06
N GLU D 56 2.06 -18.36 -13.05
CA GLU D 56 2.12 -17.60 -14.30
C GLU D 56 3.27 -18.10 -15.18
N LEU D 57 4.42 -18.34 -14.57
CA LEU D 57 5.55 -18.89 -15.31
C LEU D 57 5.18 -20.21 -15.98
N GLU D 58 4.50 -21.06 -15.23
CA GLU D 58 4.01 -22.32 -15.76
C GLU D 58 3.04 -22.06 -16.90
N ASP D 59 2.21 -21.04 -16.72
CA ASP D 59 1.19 -20.71 -17.70
C ASP D 59 1.72 -20.16 -19.03
N CYS D 60 3.01 -19.84 -19.11
CA CYS D 60 3.61 -19.41 -20.38
C CYS D 60 4.10 -20.58 -21.22
N ALA D 61 4.19 -21.75 -20.59
CA ALA D 61 4.60 -22.97 -21.27
C ALA D 61 5.95 -22.78 -21.95
N PHE D 62 6.91 -22.23 -21.21
CA PHE D 62 8.23 -21.96 -21.75
C PHE D 62 8.96 -23.27 -22.02
N PRO D 63 9.42 -23.46 -23.26
CA PRO D 63 10.14 -24.70 -23.57
C PRO D 63 11.56 -24.81 -22.97
N LEU D 64 12.15 -23.70 -22.53
CA LEU D 64 13.49 -23.74 -21.94
C LEU D 64 13.45 -23.78 -20.41
N LEU D 65 12.28 -23.57 -19.81
CA LEU D 65 12.16 -23.68 -18.36
C LEU D 65 12.22 -25.16 -17.93
N ALA D 66 13.42 -25.62 -17.61
CA ALA D 66 13.62 -27.04 -17.36
C ALA D 66 13.34 -27.43 -15.91
N GLY D 67 13.06 -26.44 -15.06
CA GLY D 67 12.72 -26.70 -13.67
C GLY D 67 12.34 -25.41 -12.99
N LEU D 68 11.63 -25.51 -11.87
CA LEU D 68 11.10 -24.31 -11.21
C LEU D 68 10.79 -24.59 -9.76
N GLU D 69 11.49 -23.93 -8.84
CA GLU D 69 11.11 -24.05 -7.44
C GLU D 69 11.05 -22.70 -6.75
N ALA D 70 10.29 -22.65 -5.67
CA ALA D 70 10.08 -21.43 -4.91
C ALA D 70 10.25 -21.73 -3.42
N THR D 71 11.08 -20.93 -2.76
CA THR D 71 11.39 -21.19 -1.35
C THR D 71 11.67 -19.89 -0.61
N ASP D 72 11.67 -19.95 0.72
CA ASP D 72 12.06 -18.80 1.52
C ASP D 72 13.41 -19.06 2.23
N ASP D 73 13.99 -20.24 1.96
CA ASP D 73 15.27 -20.66 2.53
C ASP D 73 16.39 -20.55 1.50
N PRO D 74 17.34 -19.63 1.73
CA PRO D 74 18.46 -19.30 0.84
C PRO D 74 19.31 -20.51 0.46
N LYS D 75 19.46 -21.45 1.37
CA LYS D 75 20.28 -22.63 1.11
C LYS D 75 19.61 -23.58 0.14
N VAL D 76 18.33 -23.36 -0.13
CA VAL D 76 17.65 -24.16 -1.15
C VAL D 76 17.69 -23.39 -2.47
N ALA D 77 17.40 -22.09 -2.40
CA ALA D 77 17.44 -21.25 -3.60
C ALA D 77 18.81 -21.28 -4.26
N PHE D 78 19.86 -21.25 -3.44
CA PHE D 78 21.20 -21.11 -3.99
C PHE D 78 21.84 -22.45 -4.30
N LYS D 79 21.15 -23.53 -3.95
CA LYS D 79 21.67 -24.89 -4.13
C LYS D 79 22.10 -25.18 -5.57
N ASP D 80 23.39 -25.44 -5.74
CA ASP D 80 24.02 -25.67 -7.05
C ASP D 80 23.65 -24.64 -8.12
N ALA D 81 23.50 -23.38 -7.70
CA ALA D 81 23.26 -22.27 -8.63
C ALA D 81 24.50 -21.99 -9.49
N ASP D 82 24.28 -21.73 -10.78
CA ASP D 82 25.35 -21.25 -11.64
C ASP D 82 25.30 -19.74 -11.72
N TYR D 83 24.13 -19.22 -11.38
CA TYR D 83 23.84 -17.79 -11.48
C TYR D 83 23.00 -17.39 -10.28
N ALA D 84 23.30 -16.22 -9.73
CA ALA D 84 22.56 -15.73 -8.58
C ALA D 84 22.28 -14.25 -8.72
N LEU D 85 21.01 -13.93 -8.91
CA LEU D 85 20.58 -12.55 -9.05
C LEU D 85 19.97 -12.08 -7.74
N LEU D 86 20.70 -11.21 -7.05
CA LEU D 86 20.30 -10.79 -5.71
C LEU D 86 19.52 -9.49 -5.83
N VAL D 87 18.23 -9.64 -6.14
CA VAL D 87 17.37 -8.51 -6.39
C VAL D 87 16.74 -7.96 -5.12
N GLY D 88 16.34 -8.85 -4.23
CA GLY D 88 15.72 -8.44 -2.98
C GLY D 88 16.70 -7.78 -2.02
N ALA D 89 16.27 -6.69 -1.42
CA ALA D 89 17.12 -5.98 -0.45
C ALA D 89 16.23 -5.42 0.64
N ALA D 90 16.80 -4.57 1.50
CA ALA D 90 16.04 -3.95 2.58
C ALA D 90 14.88 -3.11 2.03
N PRO D 91 13.69 -3.29 2.61
CA PRO D 91 12.56 -2.41 2.30
C PRO D 91 12.86 -0.99 2.76
N ARG D 92 12.58 -0.01 1.91
CA ARG D 92 12.99 1.36 2.20
C ARG D 92 11.79 2.29 2.40
N LEU D 101 18.01 0.75 6.48
CA LEU D 101 19.07 0.56 7.46
C LEU D 101 20.18 -0.27 6.83
N LEU D 102 21.42 0.10 7.16
CA LEU D 102 22.58 -0.68 6.76
C LEU D 102 22.64 -1.94 7.60
N GLN D 103 21.88 -1.93 8.70
CA GLN D 103 21.68 -3.10 9.53
C GLN D 103 21.02 -4.21 8.73
N VAL D 104 19.86 -3.90 8.16
CA VAL D 104 19.03 -4.88 7.46
C VAL D 104 19.74 -5.44 6.23
N ASN D 105 20.24 -4.54 5.37
CA ASN D 105 20.97 -4.99 4.19
C ASN D 105 22.19 -5.82 4.57
N GLY D 106 22.86 -5.44 5.66
CA GLY D 106 23.96 -6.20 6.20
C GLY D 106 23.60 -7.65 6.54
N LYS D 107 22.46 -7.83 7.19
CA LYS D 107 22.06 -9.18 7.59
C LYS D 107 21.64 -10.02 6.39
N ILE D 108 21.04 -9.38 5.40
CA ILE D 108 20.61 -10.09 4.20
C ILE D 108 21.81 -10.64 3.43
N PHE D 109 22.76 -9.76 3.13
CA PHE D 109 23.84 -10.13 2.23
C PHE D 109 24.98 -10.85 2.93
N THR D 110 25.01 -10.80 4.26
CA THR D 110 25.86 -11.72 5.01
C THR D 110 25.27 -13.14 4.90
N GLU D 111 23.99 -13.25 5.26
CA GLU D 111 23.29 -14.52 5.20
C GLU D 111 23.32 -15.09 3.79
N GLN D 112 23.11 -14.24 2.80
CA GLN D 112 23.07 -14.70 1.41
C GLN D 112 24.48 -14.98 0.89
N GLY D 113 25.42 -14.17 1.34
CA GLY D 113 26.83 -14.47 1.10
C GLY D 113 27.26 -15.84 1.57
N ARG D 114 27.03 -16.16 2.85
CA ARG D 114 27.50 -17.45 3.36
C ARG D 114 26.74 -18.61 2.73
N ALA D 115 25.48 -18.37 2.40
CA ALA D 115 24.65 -19.41 1.81
C ALA D 115 25.18 -19.79 0.44
N LEU D 116 25.55 -18.77 -0.35
CA LEU D 116 26.14 -18.98 -1.67
C LEU D 116 27.42 -19.80 -1.55
N ALA D 117 28.25 -19.47 -0.57
CA ALA D 117 29.52 -20.15 -0.42
C ALA D 117 29.32 -21.57 0.13
N GLU D 118 28.19 -21.77 0.78
CA GLU D 118 27.78 -23.05 1.33
C GLU D 118 27.30 -24.08 0.29
N VAL D 119 26.36 -23.68 -0.57
CA VAL D 119 25.67 -24.65 -1.42
C VAL D 119 25.71 -24.36 -2.93
N ALA D 120 26.06 -23.14 -3.32
CA ALA D 120 26.13 -22.82 -4.75
C ALA D 120 27.35 -23.48 -5.38
N LYS D 121 27.36 -23.56 -6.70
CA LYS D 121 28.55 -23.96 -7.43
C LYS D 121 29.73 -23.01 -7.14
N LYS D 122 30.94 -23.56 -7.19
CA LYS D 122 32.11 -22.77 -6.83
C LYS D 122 32.30 -21.55 -7.73
N ASP D 123 31.97 -21.69 -9.01
CA ASP D 123 32.12 -20.57 -9.92
C ASP D 123 30.77 -19.89 -10.24
N VAL D 124 29.88 -19.89 -9.26
CA VAL D 124 28.62 -19.19 -9.37
C VAL D 124 28.87 -17.72 -9.73
N LYS D 125 28.07 -17.20 -10.66
CA LYS D 125 28.15 -15.78 -11.06
C LYS D 125 27.10 -15.01 -10.28
N VAL D 126 27.51 -13.99 -9.54
CA VAL D 126 26.59 -13.25 -8.69
C VAL D 126 26.38 -11.81 -9.15
N LEU D 127 25.12 -11.41 -9.30
CA LEU D 127 24.80 -10.03 -9.59
C LEU D 127 23.89 -9.45 -8.53
N VAL D 128 24.35 -8.39 -7.87
CA VAL D 128 23.50 -7.67 -6.94
C VAL D 128 22.79 -6.52 -7.64
N VAL D 129 21.47 -6.47 -7.47
CA VAL D 129 20.64 -5.46 -8.12
C VAL D 129 20.06 -4.53 -7.07
N GLY D 130 19.66 -5.09 -5.94
CA GLY D 130 19.10 -4.29 -4.85
C GLY D 130 20.06 -3.27 -4.29
N ASN D 131 19.57 -2.07 -4.04
CA ASN D 131 20.42 -0.96 -3.58
C ASN D 131 20.70 -1.01 -2.07
N PRO D 132 21.86 -0.47 -1.65
CA PRO D 132 22.92 0.08 -2.50
C PRO D 132 23.77 -1.04 -3.06
N ALA D 133 23.73 -1.23 -4.37
CA ALA D 133 24.20 -2.47 -4.98
C ALA D 133 25.68 -2.74 -4.73
N ASN D 134 26.52 -1.71 -4.94
CA ASN D 134 27.96 -1.82 -4.76
C ASN D 134 28.35 -2.27 -3.36
N THR D 135 27.75 -1.64 -2.35
CA THR D 135 28.06 -1.98 -0.97
C THR D 135 27.46 -3.33 -0.62
N ASN D 136 26.30 -3.65 -1.17
CA ASN D 136 25.70 -4.96 -0.88
C ASN D 136 26.53 -6.07 -1.48
N ALA D 137 27.02 -5.90 -2.70
CA ALA D 137 27.94 -6.88 -3.29
C ALA D 137 29.24 -7.00 -2.47
N LEU D 138 29.67 -5.90 -1.87
CA LEU D 138 30.87 -5.93 -1.02
C LEU D 138 30.63 -6.82 0.19
N ILE D 139 29.55 -6.54 0.91
CA ILE D 139 29.16 -7.34 2.07
C ILE D 139 29.04 -8.82 1.70
N ALA D 140 28.54 -9.09 0.49
CA ALA D 140 28.26 -10.45 0.05
C ALA D 140 29.53 -11.26 -0.22
N TYR D 141 30.44 -10.72 -1.04
CA TYR D 141 31.65 -11.48 -1.35
C TYR D 141 32.54 -11.56 -0.11
N LYS D 142 32.47 -10.53 0.73
CA LYS D 142 33.26 -10.48 1.97
C LYS D 142 32.85 -11.61 2.91
N ASN D 143 31.62 -12.08 2.77
CA ASN D 143 31.13 -13.12 3.64
C ASN D 143 30.91 -14.40 2.87
N ALA D 144 31.65 -14.57 1.77
CA ALA D 144 31.53 -15.76 0.92
C ALA D 144 32.84 -16.52 0.84
N PRO D 145 33.22 -17.19 1.93
CA PRO D 145 34.51 -17.90 2.02
C PRO D 145 34.61 -19.05 1.02
N GLY D 146 35.68 -19.11 0.25
CA GLY D 146 35.86 -20.15 -0.74
C GLY D 146 35.39 -19.77 -2.15
N LEU D 147 34.67 -18.65 -2.27
CA LEU D 147 34.23 -18.20 -3.58
C LEU D 147 35.12 -17.06 -4.05
N ASN D 148 35.54 -17.12 -5.31
CA ASN D 148 36.31 -16.04 -5.91
C ASN D 148 35.56 -14.71 -5.77
N PRO D 149 36.18 -13.72 -5.08
CA PRO D 149 35.55 -12.40 -4.96
C PRO D 149 35.16 -11.79 -6.31
N ARG D 150 35.90 -12.12 -7.36
CA ARG D 150 35.65 -11.53 -8.67
C ARG D 150 34.38 -12.06 -9.34
N ASN D 151 33.76 -13.07 -8.73
CA ASN D 151 32.48 -13.53 -9.25
C ASN D 151 31.31 -12.72 -8.72
N PHE D 152 31.61 -11.71 -7.91
CA PHE D 152 30.57 -10.88 -7.31
C PHE D 152 30.54 -9.52 -7.96
N THR D 153 29.39 -9.17 -8.53
CA THR D 153 29.23 -7.92 -9.24
C THR D 153 27.94 -7.18 -8.85
N ALA D 154 27.88 -5.91 -9.21
CA ALA D 154 26.72 -5.08 -8.94
C ALA D 154 26.39 -4.36 -10.22
N MET D 155 25.17 -3.86 -10.34
CA MET D 155 24.69 -3.43 -11.63
C MET D 155 24.79 -1.93 -11.82
N THR D 156 25.49 -1.53 -12.88
CA THR D 156 25.45 -0.15 -13.35
C THR D 156 25.01 -0.15 -14.81
N ARG D 157 24.57 -1.32 -15.29
CA ARG D 157 24.12 -1.46 -16.67
C ARG D 157 22.91 -0.58 -17.00
N LEU D 158 22.13 -0.22 -15.99
CA LEU D 158 20.95 0.61 -16.27
C LEU D 158 21.38 2.05 -16.55
N ASP D 159 22.31 2.56 -15.76
CA ASP D 159 22.85 3.89 -16.00
C ASP D 159 23.54 3.91 -17.35
N HIS D 160 24.32 2.86 -17.61
CA HIS D 160 24.95 2.63 -18.90
C HIS D 160 23.94 2.76 -20.06
N ASN D 161 22.87 1.97 -19.99
CA ASN D 161 21.83 2.03 -21.01
C ASN D 161 21.13 3.39 -21.07
N ARG D 162 20.89 3.98 -19.91
CA ARG D 162 20.29 5.31 -19.87
C ARG D 162 21.20 6.35 -20.53
N ALA D 163 22.49 6.24 -20.26
CA ALA D 163 23.44 7.21 -20.81
C ALA D 163 23.44 7.10 -22.32
N LYS D 164 23.50 5.86 -22.78
CA LYS D 164 23.52 5.55 -24.20
C LYS D 164 22.27 6.05 -24.93
N ALA D 165 21.15 6.01 -24.21
CA ALA D 165 19.89 6.40 -24.78
C ALA D 165 19.90 7.90 -24.98
N GLN D 166 20.45 8.64 -24.01
CA GLN D 166 20.44 10.10 -24.11
C GLN D 166 21.37 10.57 -25.22
N LEU D 167 22.44 9.82 -25.45
CA LEU D 167 23.41 10.17 -26.48
C LEU D 167 22.85 9.92 -27.89
N ALA D 168 22.19 8.79 -28.08
CA ALA D 168 21.53 8.45 -29.34
C ALA D 168 20.50 9.51 -29.72
N LYS D 169 19.69 9.88 -28.75
CA LYS D 169 18.66 10.87 -28.93
C LYS D 169 19.29 12.19 -29.36
N LYS D 170 20.29 12.64 -28.62
CA LYS D 170 20.92 13.93 -28.90
C LYS D 170 21.55 13.99 -30.30
N THR D 171 22.27 12.96 -30.68
CA THR D 171 23.01 12.98 -31.94
C THR D 171 22.24 12.42 -33.14
N GLY D 172 20.98 12.05 -32.95
CA GLY D 172 20.20 11.49 -34.05
C GLY D 172 20.82 10.23 -34.63
N THR D 173 21.30 9.36 -33.74
CA THR D 173 21.95 8.12 -34.14
C THR D 173 21.21 6.97 -33.46
N GLY D 174 21.05 5.84 -34.14
CA GLY D 174 20.46 4.66 -33.50
C GLY D 174 21.36 4.11 -32.39
N VAL D 175 20.78 3.66 -31.26
CA VAL D 175 21.57 3.18 -30.12
C VAL D 175 22.54 2.06 -30.48
N ASP D 176 22.22 1.29 -31.52
CA ASP D 176 23.07 0.17 -31.87
C ASP D 176 24.42 0.64 -32.42
N ARG D 177 24.52 1.93 -32.74
CA ARG D 177 25.74 2.50 -33.29
C ARG D 177 26.47 3.35 -32.23
N ILE D 178 25.98 3.32 -31.01
CA ILE D 178 26.68 3.93 -29.89
C ILE D 178 27.55 2.85 -29.24
N ARG D 179 28.84 3.08 -29.15
CA ARG D 179 29.67 2.08 -28.51
C ARG D 179 30.65 2.73 -27.55
N ARG D 180 31.24 1.91 -26.68
CA ARG D 180 32.24 2.34 -25.72
C ARG D 180 31.75 3.38 -24.71
N MET D 181 30.47 3.29 -24.37
CA MET D 181 29.89 4.02 -23.26
C MET D 181 30.45 3.49 -21.95
N THR D 182 30.61 4.37 -20.98
CA THR D 182 31.13 3.96 -19.68
C THR D 182 30.46 4.72 -18.55
N VAL D 183 30.10 4.00 -17.50
CA VAL D 183 29.65 4.63 -16.28
C VAL D 183 30.58 4.18 -15.15
N TRP D 184 31.25 5.12 -14.50
CA TRP D 184 32.23 4.79 -13.47
C TRP D 184 31.63 4.98 -12.08
N GLY D 185 32.01 4.11 -11.15
CA GLY D 185 31.67 4.35 -9.76
C GLY D 185 30.55 3.49 -9.23
N ASN D 186 29.67 4.04 -8.39
CA ASN D 186 28.52 3.26 -7.99
C ASN D 186 27.23 3.79 -8.55
N HIS D 187 26.18 3.02 -8.31
CA HIS D 187 24.83 3.39 -8.68
C HIS D 187 24.29 4.40 -7.67
N SER D 188 24.60 5.67 -7.89
CA SER D 188 24.26 6.73 -6.96
C SER D 188 24.33 8.09 -7.66
N SER D 189 24.00 9.16 -6.96
CA SER D 189 24.05 10.50 -7.56
C SER D 189 25.46 10.92 -7.99
N THR D 190 26.49 10.23 -7.50
CA THR D 190 27.87 10.59 -7.87
C THR D 190 28.39 9.81 -9.09
N MET D 191 27.58 8.92 -9.64
CA MET D 191 28.00 8.15 -10.83
C MET D 191 28.52 9.04 -11.95
N PHE D 192 29.48 8.53 -12.71
CA PHE D 192 30.12 9.33 -13.74
C PHE D 192 29.98 8.71 -15.12
N PRO D 193 29.07 9.25 -15.94
CA PRO D 193 28.96 8.83 -17.34
C PRO D 193 30.05 9.48 -18.19
N ASP D 194 30.77 8.66 -18.95
CA ASP D 194 32.02 9.09 -19.59
C ASP D 194 31.84 9.14 -21.11
N LEU D 195 31.91 10.35 -21.66
CA LEU D 195 31.78 10.56 -23.10
C LEU D 195 33.12 10.78 -23.79
N PHE D 196 34.20 10.79 -22.99
CA PHE D 196 35.53 10.98 -23.55
C PHE D 196 36.00 9.77 -24.36
N HIS D 197 35.39 8.61 -24.14
CA HIS D 197 35.82 7.41 -24.86
C HIS D 197 34.72 6.84 -25.70
N ALA D 198 33.53 7.44 -25.58
CA ALA D 198 32.33 6.92 -26.22
C ALA D 198 32.35 7.29 -27.71
N GLU D 199 31.87 6.38 -28.54
CA GLU D 199 31.86 6.63 -29.98
C GLU D 199 30.44 6.58 -30.53
N VAL D 200 30.13 7.52 -31.42
CA VAL D 200 28.82 7.59 -32.07
C VAL D 200 28.96 7.28 -33.56
N ASP D 201 28.61 6.06 -33.94
CA ASP D 201 28.79 5.63 -35.33
C ASP D 201 30.23 5.85 -35.78
N GLY D 202 31.19 5.46 -34.94
CA GLY D 202 32.60 5.56 -35.25
C GLY D 202 33.28 6.91 -35.06
N ARG D 203 32.50 7.93 -34.69
CA ARG D 203 33.05 9.24 -34.35
C ARG D 203 33.12 9.38 -32.84
N PRO D 204 34.13 10.08 -32.30
CA PRO D 204 34.14 10.39 -30.87
C PRO D 204 32.87 11.16 -30.48
N ALA D 205 32.25 10.83 -29.34
CA ALA D 205 31.01 11.49 -28.96
C ALA D 205 31.19 13.01 -28.88
N LEU D 206 32.34 13.47 -28.39
CA LEU D 206 32.56 14.90 -28.19
C LEU D 206 32.94 15.61 -29.48
N GLU D 207 32.94 14.88 -30.59
CA GLU D 207 32.93 15.53 -31.89
C GLU D 207 31.51 16.02 -32.24
N LEU D 208 30.49 15.41 -31.65
CA LEU D 208 29.11 15.69 -32.06
C LEU D 208 28.30 16.47 -31.01
N VAL D 209 28.86 16.60 -29.82
CA VAL D 209 28.23 17.35 -28.74
C VAL D 209 29.36 18.09 -28.05
N ASP D 210 29.07 19.19 -27.36
CA ASP D 210 30.16 19.88 -26.70
C ASP D 210 30.10 19.78 -25.18
N MET D 211 31.10 20.34 -24.50
CA MET D 211 31.28 20.14 -23.06
C MET D 211 30.14 20.69 -22.21
N GLU D 212 29.56 21.82 -22.60
CA GLU D 212 28.52 22.44 -21.80
C GLU D 212 27.24 21.59 -21.75
N TRP D 213 26.91 20.96 -22.87
CA TRP D 213 25.74 20.09 -22.89
C TRP D 213 26.05 18.84 -22.06
N TYR D 214 27.28 18.36 -22.17
CA TYR D 214 27.75 17.20 -21.43
C TYR D 214 27.63 17.44 -19.93
N GLU D 215 28.19 18.55 -19.47
CA GLU D 215 28.23 18.85 -18.06
C GLU D 215 26.87 19.27 -17.51
N LYS D 216 26.10 20.01 -18.29
CA LYS D 216 24.90 20.65 -17.75
C LYS D 216 23.60 19.96 -18.11
N VAL D 217 23.59 19.16 -19.17
CA VAL D 217 22.38 18.44 -19.54
C VAL D 217 22.56 16.92 -19.40
N PHE D 218 23.56 16.37 -20.08
CA PHE D 218 23.74 14.92 -20.15
C PHE D 218 23.96 14.25 -18.79
N ILE D 219 24.94 14.71 -18.03
CA ILE D 219 25.24 14.08 -16.75
C ILE D 219 24.07 14.18 -15.75
N PRO D 220 23.52 15.39 -15.52
CA PRO D 220 22.35 15.46 -14.63
C PRO D 220 21.13 14.65 -15.11
N THR D 221 20.93 14.53 -16.42
CA THR D 221 19.75 13.83 -16.91
C THR D 221 19.83 12.33 -16.60
N VAL D 222 20.98 11.74 -16.85
CA VAL D 222 21.20 10.33 -16.54
C VAL D 222 21.09 10.07 -15.05
N ALA D 223 21.75 10.90 -14.26
CA ALA D 223 21.75 10.77 -12.81
C ALA D 223 20.36 10.90 -12.17
N GLN D 224 19.48 11.66 -12.80
CA GLN D 224 18.15 11.95 -12.25
C GLN D 224 17.03 11.18 -12.92
N ARG D 225 17.40 10.28 -13.82
CA ARG D 225 16.45 9.63 -14.70
C ARG D 225 15.47 8.73 -13.94
N GLY D 226 15.95 8.07 -12.89
CA GLY D 226 15.11 7.18 -12.09
C GLY D 226 14.00 7.95 -11.38
N ALA D 227 14.35 9.11 -10.85
CA ALA D 227 13.42 9.96 -10.15
C ALA D 227 12.34 10.49 -11.09
N ALA D 228 12.67 10.59 -12.38
CA ALA D 228 11.75 11.18 -13.35
C ALA D 228 10.69 10.16 -13.71
N ILE D 229 11.13 8.92 -13.87
CA ILE D 229 10.24 7.82 -14.18
C ILE D 229 9.31 7.58 -13.00
N ILE D 230 9.84 7.66 -11.78
CA ILE D 230 9.01 7.57 -10.59
C ILE D 230 7.96 8.66 -10.60
N GLN D 231 8.34 9.86 -11.00
CA GLN D 231 7.41 10.98 -11.14
C GLN D 231 6.28 10.68 -12.13
N ALA D 232 6.64 10.12 -13.27
CA ALA D 232 5.69 9.87 -14.35
C ALA D 232 4.77 8.67 -14.07
N ARG D 233 5.36 7.56 -13.64
CA ARG D 233 4.63 6.30 -13.48
C ARG D 233 4.06 6.07 -12.09
N GLY D 234 4.56 6.79 -11.10
CA GLY D 234 4.19 6.52 -9.71
C GLY D 234 4.77 5.21 -9.23
N ALA D 235 5.77 4.70 -9.95
CA ALA D 235 6.46 3.48 -9.59
C ALA D 235 7.86 3.51 -10.20
N SER D 236 8.78 2.72 -9.63
CA SER D 236 10.16 2.73 -10.10
C SER D 236 10.31 1.96 -11.41
N SER D 237 11.51 1.97 -11.97
CA SER D 237 11.73 1.47 -13.33
C SER D 237 12.06 -0.01 -13.36
N ALA D 238 11.07 -0.84 -13.02
CA ALA D 238 11.28 -2.27 -12.93
C ALA D 238 11.73 -2.89 -14.24
N ALA D 239 11.05 -2.54 -15.33
CA ALA D 239 11.27 -3.27 -16.58
C ALA D 239 12.63 -2.96 -17.17
N SER D 240 13.00 -1.68 -17.16
CA SER D 240 14.32 -1.28 -17.68
C SER D 240 15.44 -1.73 -16.73
N ALA D 241 15.16 -1.81 -15.43
CA ALA D 241 16.12 -2.39 -14.48
C ALA D 241 16.36 -3.87 -14.77
N ALA D 242 15.26 -4.60 -15.01
CA ALA D 242 15.33 -6.03 -15.26
C ALA D 242 16.03 -6.31 -16.57
N ASN D 243 15.67 -5.55 -17.61
CA ASN D 243 16.38 -5.63 -18.89
C ASN D 243 17.89 -5.37 -18.71
N ALA D 244 18.22 -4.40 -17.86
CA ALA D 244 19.62 -4.13 -17.56
C ALA D 244 20.30 -5.34 -16.88
N ALA D 245 19.62 -5.96 -15.93
CA ALA D 245 20.20 -7.12 -15.24
C ALA D 245 20.40 -8.24 -16.23
N ILE D 246 19.41 -8.45 -17.08
CA ILE D 246 19.48 -9.52 -18.08
C ILE D 246 20.71 -9.33 -18.96
N GLU D 247 20.91 -8.10 -19.43
CA GLU D 247 22.05 -7.78 -20.32
C GLU D 247 23.39 -7.85 -19.59
N HIS D 248 23.40 -7.43 -18.32
CA HIS D 248 24.58 -7.57 -17.49
C HIS D 248 25.06 -9.03 -17.49
N ILE D 249 24.14 -9.94 -17.17
CA ILE D 249 24.47 -11.36 -17.14
C ILE D 249 24.79 -11.87 -18.54
N ARG D 250 23.98 -11.49 -19.52
CA ARG D 250 24.15 -12.03 -20.88
C ARG D 250 25.55 -11.74 -21.45
N ASP D 251 26.01 -10.50 -21.32
CA ASP D 251 27.32 -10.09 -21.85
C ASP D 251 28.46 -10.77 -21.08
N TRP D 252 28.37 -10.78 -19.76
CA TRP D 252 29.27 -11.54 -18.90
C TRP D 252 29.46 -12.99 -19.35
N ALA D 253 28.34 -13.65 -19.67
CA ALA D 253 28.31 -15.08 -19.99
C ALA D 253 28.56 -15.37 -21.47
N LEU D 254 27.99 -14.57 -22.35
CA LEU D 254 28.11 -14.85 -23.78
C LEU D 254 29.14 -13.97 -24.50
N GLY D 255 29.60 -12.91 -23.85
CA GLY D 255 30.64 -12.08 -24.45
C GLY D 255 30.18 -10.70 -24.90
N THR D 256 31.10 -9.75 -24.82
CA THR D 256 30.87 -8.41 -25.36
C THR D 256 31.23 -8.39 -26.84
N PRO D 257 30.57 -7.51 -27.62
CA PRO D 257 30.93 -7.42 -29.05
C PRO D 257 32.35 -6.87 -29.28
N GLU D 258 32.99 -7.34 -30.34
CA GLU D 258 34.30 -6.87 -30.76
C GLU D 258 34.34 -5.34 -30.95
N GLY D 259 35.26 -4.68 -30.29
CA GLY D 259 35.39 -3.24 -30.41
C GLY D 259 34.61 -2.48 -29.35
N ASP D 260 33.80 -3.19 -28.58
CA ASP D 260 32.89 -2.54 -27.63
C ASP D 260 33.23 -2.98 -26.21
N TRP D 261 32.60 -2.34 -25.24
CA TRP D 261 32.71 -2.76 -23.86
C TRP D 261 31.45 -2.32 -23.15
N VAL D 262 31.26 -2.77 -21.92
CA VAL D 262 30.12 -2.37 -21.13
C VAL D 262 30.57 -1.92 -19.75
N SER D 263 29.65 -1.35 -18.98
CA SER D 263 29.91 -1.04 -17.57
C SER D 263 29.51 -2.21 -16.66
N MET D 264 30.41 -2.57 -15.75
CA MET D 264 30.12 -3.55 -14.69
C MET D 264 30.78 -3.10 -13.41
N ALA D 265 30.04 -3.11 -12.30
CA ALA D 265 30.64 -2.81 -10.99
C ALA D 265 31.26 -4.08 -10.42
N VAL D 266 32.57 -4.07 -10.23
CA VAL D 266 33.30 -5.25 -9.82
C VAL D 266 34.28 -4.89 -8.72
N PRO D 267 34.72 -5.89 -7.92
CA PRO D 267 35.72 -5.61 -6.88
C PRO D 267 36.98 -5.00 -7.51
N SER D 268 37.36 -3.83 -7.02
CA SER D 268 38.52 -3.13 -7.58
C SER D 268 39.82 -3.83 -7.21
N GLN D 269 40.66 -4.04 -8.20
CA GLN D 269 42.00 -4.55 -7.98
C GLN D 269 43.03 -3.43 -8.14
N GLY D 270 42.57 -2.19 -8.06
CA GLY D 270 43.48 -1.07 -8.12
C GLY D 270 43.59 -0.37 -9.46
N GLU D 271 42.91 -0.88 -10.48
CA GLU D 271 43.06 -0.30 -11.80
C GLU D 271 42.56 1.17 -11.84
N TYR D 272 43.22 1.99 -12.66
CA TYR D 272 42.95 3.43 -12.73
C TYR D 272 43.12 4.14 -11.39
N GLY D 273 43.86 3.51 -10.48
CA GLY D 273 44.10 4.09 -9.17
C GLY D 273 42.90 4.08 -8.24
N ILE D 274 41.89 3.28 -8.57
CA ILE D 274 40.72 3.08 -7.71
C ILE D 274 41.11 2.20 -6.53
N PRO D 275 40.79 2.62 -5.30
CA PRO D 275 41.17 1.86 -4.10
C PRO D 275 40.75 0.38 -4.16
N GLU D 276 41.64 -0.51 -3.74
CA GLU D 276 41.36 -1.95 -3.81
C GLU D 276 40.18 -2.34 -2.94
N GLY D 277 39.56 -3.48 -3.24
CA GLY D 277 38.49 -3.99 -2.43
C GLY D 277 37.09 -3.52 -2.78
N ILE D 278 36.88 -2.21 -2.87
CA ILE D 278 35.53 -1.68 -3.07
C ILE D 278 34.99 -2.11 -4.44
N VAL D 279 33.67 -2.22 -4.55
CA VAL D 279 33.03 -2.62 -5.78
C VAL D 279 32.71 -1.37 -6.58
N TYR D 280 33.20 -1.32 -7.82
CA TYR D 280 33.30 -0.06 -8.55
C TYR D 280 33.06 -0.30 -10.02
N SER D 281 32.29 0.57 -10.65
CA SER D 281 31.95 0.36 -12.03
C SER D 281 33.10 0.74 -12.94
N PHE D 282 33.49 -0.21 -13.78
CA PHE D 282 34.61 -0.09 -14.70
C PHE D 282 34.14 -0.34 -16.13
N PRO D 283 34.88 0.14 -17.13
CA PRO D 283 34.67 -0.38 -18.49
C PRO D 283 35.25 -1.76 -18.60
N VAL D 284 34.46 -2.73 -19.07
CA VAL D 284 34.92 -4.12 -19.13
C VAL D 284 34.56 -4.82 -20.45
N THR D 285 35.40 -5.76 -20.83
CA THR D 285 35.07 -6.69 -21.88
C THR D 285 34.84 -8.04 -21.20
N ALA D 286 34.06 -8.90 -21.81
CA ALA D 286 33.84 -10.23 -21.24
C ALA D 286 33.94 -11.27 -22.33
N LYS D 287 34.55 -12.40 -21.97
CA LYS D 287 34.73 -13.51 -22.88
C LYS D 287 34.69 -14.80 -22.08
N ASP D 288 34.03 -15.81 -22.65
CA ASP D 288 33.99 -17.17 -22.07
C ASP D 288 33.54 -17.23 -20.59
N GLY D 289 32.75 -16.26 -20.13
CA GLY D 289 32.31 -16.23 -18.75
C GLY D 289 33.17 -15.37 -17.85
N ALA D 290 34.17 -14.71 -18.42
CA ALA D 290 35.08 -13.88 -17.61
C ALA D 290 35.18 -12.46 -18.15
N TYR D 291 35.15 -11.49 -17.25
CA TYR D 291 35.39 -10.10 -17.62
C TYR D 291 36.86 -9.65 -17.38
N ARG D 292 37.28 -8.59 -18.08
CA ARG D 292 38.62 -7.97 -17.99
C ARG D 292 38.39 -6.47 -18.01
N VAL D 293 38.93 -5.75 -17.04
CA VAL D 293 38.80 -4.30 -17.06
C VAL D 293 39.57 -3.78 -18.26
N VAL D 294 38.96 -2.85 -18.99
CA VAL D 294 39.59 -2.30 -20.20
C VAL D 294 40.78 -1.43 -19.77
N GLU D 295 41.96 -1.81 -20.22
CA GLU D 295 43.16 -1.06 -19.91
C GLU D 295 43.57 -0.12 -21.04
N GLY D 296 44.54 0.76 -20.75
CA GLY D 296 45.07 1.65 -21.77
C GLY D 296 44.26 2.91 -22.06
N LEU D 297 43.31 3.26 -21.21
CA LEU D 297 42.58 4.52 -21.40
C LEU D 297 43.31 5.71 -20.77
N GLU D 298 43.14 6.88 -21.37
CA GLU D 298 43.67 8.11 -20.83
C GLU D 298 42.56 8.80 -20.06
N ILE D 299 42.89 9.26 -18.85
CA ILE D 299 41.92 9.87 -17.95
C ILE D 299 42.27 11.33 -17.70
N ASN D 300 41.48 12.27 -18.23
CA ASN D 300 41.78 13.68 -18.01
C ASN D 300 41.27 14.20 -16.66
N GLU D 301 41.49 15.48 -16.40
CA GLU D 301 41.23 16.04 -15.09
C GLU D 301 39.75 16.02 -14.71
N PHE D 302 38.91 16.43 -15.66
CA PHE D 302 37.46 16.37 -15.49
C PHE D 302 36.99 14.93 -15.13
N ALA D 303 37.40 13.94 -15.90
CA ALA D 303 37.06 12.54 -15.58
C ALA D 303 37.60 12.12 -14.20
N ARG D 304 38.90 12.37 -14.00
CA ARG D 304 39.60 11.98 -12.78
C ARG D 304 38.91 12.49 -11.52
N LYS D 305 38.61 13.78 -11.50
CA LYS D 305 37.96 14.39 -10.35
C LYS D 305 36.64 13.69 -10.01
N ARG D 306 35.88 13.29 -11.03
CA ARG D 306 34.56 12.72 -10.80
C ARG D 306 34.65 11.24 -10.43
N MET D 307 35.61 10.54 -11.03
CA MET D 307 35.89 9.17 -10.64
C MET D 307 36.33 9.05 -9.17
N GLU D 308 37.08 10.05 -8.68
CA GLU D 308 37.57 10.05 -7.30
C GLU D 308 36.46 10.36 -6.29
N ILE D 309 35.53 11.21 -6.70
CA ILE D 309 34.39 11.53 -5.86
C ILE D 309 33.46 10.32 -5.65
N THR D 310 33.25 9.50 -6.67
CA THR D 310 32.53 8.24 -6.47
C THR D 310 33.30 7.28 -5.57
N ALA D 311 34.59 7.15 -5.85
CA ALA D 311 35.47 6.25 -5.09
C ALA D 311 35.41 6.60 -3.62
N GLN D 312 35.42 7.90 -3.33
CA GLN D 312 35.43 8.36 -1.94
C GLN D 312 34.13 7.99 -1.24
N GLU D 313 33.01 8.10 -1.96
CA GLU D 313 31.70 7.73 -1.44
C GLU D 313 31.69 6.24 -1.07
N LEU D 314 32.16 5.42 -2.00
CA LEU D 314 32.28 3.98 -1.77
C LEU D 314 33.23 3.65 -0.60
N LEU D 315 34.33 4.38 -0.50
CA LEU D 315 35.28 4.19 0.60
C LEU D 315 34.63 4.54 1.92
N ASP D 316 33.78 5.55 1.88
CA ASP D 316 33.06 5.99 3.08
C ASP D 316 32.10 4.90 3.53
N GLU D 317 31.45 4.25 2.56
CA GLU D 317 30.46 3.24 2.86
C GLU D 317 31.13 1.96 3.34
N MET D 318 32.27 1.65 2.77
CA MET D 318 33.04 0.49 3.20
C MET D 318 33.49 0.61 4.65
N GLU D 319 34.07 1.76 5.00
CA GLU D 319 34.55 1.97 6.37
C GLU D 319 33.40 2.04 7.38
N GLN D 320 32.19 2.31 6.91
CA GLN D 320 31.01 2.30 7.77
C GLN D 320 30.49 0.89 7.97
N VAL D 321 30.57 0.09 6.92
CA VAL D 321 30.20 -1.31 7.00
C VAL D 321 31.18 -2.03 7.95
N LYS D 322 32.46 -1.74 7.81
CA LYS D 322 33.47 -2.36 8.66
C LYS D 322 33.29 -1.90 10.12
N ALA D 323 32.67 -0.74 10.29
CA ALA D 323 32.42 -0.21 11.63
C ALA D 323 31.38 -1.03 12.39
N LEU D 324 30.69 -1.89 11.67
CA LEU D 324 29.68 -2.76 12.26
C LEU D 324 30.12 -4.21 12.18
N GLY D 325 31.34 -4.43 11.71
CA GLY D 325 31.89 -5.76 11.57
C GLY D 325 31.09 -6.66 10.64
N LEU D 326 30.88 -6.21 9.41
CA LEU D 326 30.11 -6.98 8.43
C LEU D 326 31.01 -7.53 7.33
S SO4 E . -7.71 -14.30 -16.23
O1 SO4 E . -7.94 -13.37 -17.35
O2 SO4 E . -8.52 -13.91 -15.07
O3 SO4 E . -8.07 -15.66 -16.66
O4 SO4 E . -6.31 -14.28 -15.84
S SO4 F . -22.70 -34.91 -20.55
O1 SO4 F . -23.49 -36.11 -20.33
O2 SO4 F . -23.55 -33.73 -20.42
O3 SO4 F . -21.65 -34.85 -19.54
O4 SO4 F . -22.14 -34.95 -21.90
S SO4 G . 14.18 -15.18 -33.58
O1 SO4 G . 13.11 -16.00 -34.14
O2 SO4 G . 13.66 -14.43 -32.44
O3 SO4 G . 15.27 -16.06 -33.14
O4 SO4 G . 14.67 -14.28 -34.61
S SO4 H . -26.44 4.03 24.50
O1 SO4 H . -26.68 4.76 23.25
O2 SO4 H . -27.33 4.53 25.53
O3 SO4 H . -26.69 2.62 24.24
O4 SO4 H . -25.06 4.24 24.94
S SO4 I . -41.39 -16.68 20.04
O1 SO4 I . -41.99 -18.01 20.08
O2 SO4 I . -42.44 -15.67 19.98
O3 SO4 I . -40.61 -16.49 21.25
O4 SO4 I . -40.56 -16.61 18.84
S SO4 J . -4.42 3.09 6.99
O1 SO4 J . -5.46 2.14 6.62
O2 SO4 J . -4.89 3.91 8.10
O3 SO4 J . -3.21 2.36 7.38
O4 SO4 J . -4.12 3.93 5.83
S SO4 K . -1.79 22.38 30.38
O1 SO4 K . -2.94 22.10 29.50
O2 SO4 K . -0.61 22.58 29.54
O3 SO4 K . -2.07 23.59 31.14
O4 SO4 K . -1.56 21.26 31.29
S SO4 L . 1.19 2.18 11.77
O1 SO4 L . 0.72 2.72 13.05
O2 SO4 L . 0.16 2.34 10.76
O3 SO4 L . 2.40 2.89 11.37
O4 SO4 L . 1.50 0.76 11.92
S SO4 M . 16.86 4.08 -10.17
O1 SO4 M . 16.16 5.17 -9.49
O2 SO4 M . 16.00 3.54 -11.22
O3 SO4 M . 18.08 4.59 -10.78
O4 SO4 M . 17.20 3.03 -9.19
S SO4 N . 20.01 -16.14 -28.70
O1 SO4 N . 19.28 -15.67 -27.53
O2 SO4 N . 19.27 -15.79 -29.91
O3 SO4 N . 21.34 -15.53 -28.73
O4 SO4 N . 20.16 -17.60 -28.64
#